data_8IYF
#
_entry.id   8IYF
#
_cell.length_a   48.009
_cell.length_b   121.263
_cell.length_c   84.544
_cell.angle_alpha   90.000
_cell.angle_beta   90.000
_cell.angle_gamma   90.000
#
_symmetry.space_group_name_H-M   'P 1 21 1'
#
loop_
_entity.id
_entity.type
_entity.pdbx_description
1 polymer 'Validamine 7-phosphate valienyltransferase'
2 non-polymer "GUANOSINE-5'-DIPHOSPHATE"
3 water water
#
_entity_poly.entity_id   1
_entity_poly.type   'polypeptide(L)'
_entity_poly.pdbx_seq_one_letter_code
;MTGSEIFLASKRAAITYDTDPATGEPRAWLAPGGTGNVVAEQAGVLNISWIASADSEDDRRASALNPDGVTMELHSGREI
LVRLIRHDPAVFRNVQNFMTANLMWAANNYGWDRWTQPSFGSDAREGWADFGRFTRDFADAILKSSAQSADPVYLVHDYQ
LVGVPALLREQRPDAPILLFVAIPWPSADYWRILPKEIRTGILHGMLPATTIGFFADRWCRNFLESVADLLPDARIDREA
MTVEWRGHRTRLRTMPLGYSPLTLDGRNPQLPEGIEEWADGHRLVVHSGRTDPIKNAERAVRAFVLAARGGGLEKTRMLV
RMNPNRLYVPANADYVHRVETAVAEANAELGSDTVRIDNDNDVNHTIACFRRADLLIFNSTVDGQNLSTFEAPLVNERDA
DVILSETCGAAEVLGEYCRSVNPFDLVEQAEAISAALAAGPRQRAEAAARRRDAARPWTLEAWVQAQLDGLAADHAARTA
TAERFDTAPAVSTRADL
;
_entity_poly.pdbx_strand_id   A,B
#
# COMPACT_ATOMS: atom_id res chain seq x y z
N GLY A 3 24.24 38.22 -0.87
CA GLY A 3 24.24 37.15 0.10
C GLY A 3 22.88 36.92 0.75
N SER A 4 22.48 35.65 0.89
CA SER A 4 21.16 35.35 1.39
C SER A 4 21.12 35.40 2.91
N GLU A 5 19.96 35.76 3.44
CA GLU A 5 19.66 35.65 4.87
C GLU A 5 18.87 34.35 5.07
N ILE A 6 19.51 33.34 5.61
CA ILE A 6 18.95 31.98 5.66
C ILE A 6 18.31 31.74 7.02
N PHE A 7 17.12 31.17 7.01
CA PHE A 7 16.46 30.74 8.24
C PHE A 7 16.10 29.26 8.09
N LEU A 8 16.90 28.42 8.73
CA LEU A 8 16.76 26.97 8.69
C LEU A 8 15.95 26.49 9.90
N ALA A 9 14.95 25.65 9.66
CA ALA A 9 14.15 25.08 10.74
C ALA A 9 14.22 23.55 10.66
N SER A 10 14.45 22.90 11.79
CA SER A 10 14.51 21.46 11.82
C SER A 10 14.11 20.99 13.21
N LYS A 11 13.92 19.69 13.38
CA LYS A 11 13.45 19.27 14.70
C LYS A 11 14.53 19.40 15.76
N ARG A 12 15.81 19.39 15.38
CA ARG A 12 16.88 19.48 16.36
C ARG A 12 18.11 20.15 15.75
N ALA A 13 18.79 20.94 16.57
CA ALA A 13 20.10 21.49 16.23
C ALA A 13 21.07 20.85 17.20
N ALA A 14 21.83 19.86 16.71
CA ALA A 14 22.71 19.05 17.55
C ALA A 14 23.79 19.90 18.22
N ILE A 15 23.58 20.21 19.50
CA ILE A 15 24.53 20.96 20.32
C ILE A 15 25.13 20.00 21.35
N THR A 16 26.45 20.04 21.49
CA THR A 16 27.14 19.30 22.53
C THR A 16 27.27 20.21 23.75
N TYR A 17 26.73 19.77 24.87
CA TYR A 17 26.77 20.44 26.15
C TYR A 17 27.72 19.68 27.08
N ASP A 18 28.77 20.35 27.55
CA ASP A 18 29.63 19.74 28.56
C ASP A 18 30.25 20.87 29.39
N THR A 19 31.33 20.54 30.11
CA THR A 19 32.10 21.52 30.86
C THR A 19 33.55 21.49 30.41
N ASP A 20 34.19 22.64 30.45
CA ASP A 20 35.56 22.74 30.00
C ASP A 20 36.45 21.85 30.86
N PRO A 21 37.35 21.04 30.26
CA PRO A 21 38.21 20.17 31.09
C PRO A 21 39.21 20.94 31.96
N ALA A 22 39.57 22.17 31.58
CA ALA A 22 40.47 22.99 32.38
C ALA A 22 39.72 23.86 33.38
N THR A 23 38.75 24.67 32.91
CA THR A 23 38.09 25.65 33.76
C THR A 23 36.84 25.11 34.47
N GLY A 24 36.25 24.03 33.98
CA GLY A 24 34.99 23.55 34.50
C GLY A 24 33.79 24.36 34.08
N GLU A 25 33.97 25.43 33.31
CA GLU A 25 32.85 26.25 32.89
C GLU A 25 31.96 25.47 31.92
N PRO A 26 30.64 25.63 31.98
CA PRO A 26 29.77 24.96 31.01
C PRO A 26 30.08 25.40 29.59
N ARG A 27 30.05 24.46 28.67
CA ARG A 27 30.27 24.76 27.26
C ARG A 27 29.12 24.22 26.42
N ALA A 28 28.76 24.96 25.38
CA ALA A 28 27.79 24.51 24.39
C ALA A 28 28.36 24.80 23.01
N TRP A 29 28.44 23.78 22.16
CA TRP A 29 29.02 23.95 20.84
C TRP A 29 28.30 23.10 19.82
N LEU A 30 28.10 23.68 18.64
CA LEU A 30 27.42 22.99 17.56
C LEU A 30 28.26 21.80 17.08
N ALA A 31 27.61 20.66 16.90
CA ALA A 31 28.31 19.47 16.43
C ALA A 31 28.73 19.65 14.98
N PRO A 32 29.97 19.35 14.63
CA PRO A 32 30.37 19.32 13.22
C PRO A 32 29.37 18.59 12.34
N GLY A 33 29.18 19.07 11.11
CA GLY A 33 28.35 18.37 10.17
C GLY A 33 26.85 18.59 10.31
N GLY A 34 26.43 19.47 11.23
CA GLY A 34 25.04 19.88 11.22
C GLY A 34 24.66 20.51 9.90
N THR A 35 23.37 20.40 9.56
CA THR A 35 22.88 21.03 8.34
C THR A 35 23.14 22.53 8.37
N GLY A 36 22.93 23.16 9.52
CA GLY A 36 23.24 24.59 9.64
C GLY A 36 24.70 24.89 9.37
N ASN A 37 25.59 24.06 9.91
CA ASN A 37 27.03 24.24 9.67
C ASN A 37 27.37 24.24 8.20
N VAL A 38 26.72 23.37 7.42
CA VAL A 38 27.06 23.27 6.00
C VAL A 38 26.45 24.41 5.22
N VAL A 39 25.19 24.75 5.52
CA VAL A 39 24.58 25.90 4.86
C VAL A 39 25.43 27.14 5.11
N ALA A 40 25.99 27.25 6.31
CA ALA A 40 26.74 28.43 6.69
C ALA A 40 27.98 28.64 5.83
N GLU A 41 28.45 27.60 5.14
CA GLU A 41 29.70 27.67 4.38
C GLU A 41 29.50 28.01 2.91
N GLN A 42 28.26 28.16 2.44
CA GLN A 42 28.02 28.30 1.01
C GLN A 42 28.21 29.74 0.56
N ALA A 43 28.35 29.90 -0.76
CA ALA A 43 28.74 31.16 -1.37
C ALA A 43 27.79 32.31 -1.06
N GLY A 44 26.59 32.27 -1.62
CA GLY A 44 25.66 33.37 -1.47
C GLY A 44 24.88 33.36 -0.17
N VAL A 45 25.53 33.00 0.93
CA VAL A 45 24.94 33.03 2.27
C VAL A 45 25.65 34.10 3.07
N LEU A 46 24.91 35.12 3.50
CA LEU A 46 25.45 36.19 4.34
C LEU A 46 25.38 35.84 5.81
N ASN A 47 24.22 35.42 6.28
CA ASN A 47 24.04 34.98 7.65
C ASN A 47 22.97 33.91 7.67
N ILE A 48 22.95 33.13 8.74
CA ILE A 48 22.02 32.01 8.87
C ILE A 48 21.55 31.92 10.31
N SER A 49 20.24 31.81 10.50
CA SER A 49 19.66 31.43 11.77
C SER A 49 19.12 30.01 11.67
N TRP A 50 19.19 29.28 12.79
CA TRP A 50 18.72 27.91 12.91
C TRP A 50 17.73 27.85 14.06
N ILE A 51 16.49 27.45 13.75
CA ILE A 51 15.42 27.32 14.73
C ILE A 51 15.10 25.83 14.88
N ALA A 52 15.14 25.34 16.11
CA ALA A 52 14.87 23.93 16.39
C ALA A 52 14.18 23.83 17.74
N SER A 53 13.73 22.61 18.05
CA SER A 53 13.06 22.32 19.30
C SER A 53 14.06 22.06 20.41
N ALA A 54 13.76 22.58 21.60
CA ALA A 54 14.44 22.17 22.82
C ALA A 54 13.92 20.79 23.23
N ASP A 55 14.83 19.82 23.39
CA ASP A 55 14.40 18.47 23.72
C ASP A 55 15.36 17.86 24.74
N SER A 56 15.80 18.67 25.70
CA SER A 56 16.61 18.21 26.82
C SER A 56 16.60 19.31 27.87
N GLU A 57 17.00 18.96 29.09
CA GLU A 57 17.14 20.00 30.12
C GLU A 57 18.19 21.03 29.69
N ASP A 58 19.27 20.56 29.06
CA ASP A 58 20.28 21.46 28.56
C ASP A 58 19.71 22.41 27.52
N ASP A 59 18.94 21.88 26.56
CA ASP A 59 18.27 22.73 25.59
C ASP A 59 17.33 23.71 26.26
N ARG A 60 16.59 23.25 27.27
CA ARG A 60 15.58 24.12 27.89
C ARG A 60 16.23 25.28 28.63
N ARG A 61 17.31 25.00 29.36
CA ARG A 61 18.05 26.10 30.00
C ARG A 61 18.65 27.02 28.96
N ALA A 62 19.16 26.46 27.85
CA ALA A 62 19.71 27.29 26.79
C ALA A 62 18.65 28.23 26.24
N SER A 63 17.46 27.69 25.93
CA SER A 63 16.39 28.51 25.40
C SER A 63 15.94 29.57 26.39
N ALA A 64 15.78 29.19 27.67
CA ALA A 64 15.36 30.15 28.68
C ALA A 64 16.40 31.26 28.87
N LEU A 65 17.68 30.95 28.69
CA LEU A 65 18.70 31.97 28.90
C LEU A 65 18.70 33.00 27.77
N ASN A 66 18.57 32.54 26.53
CA ASN A 66 18.49 33.43 25.37
C ASN A 66 17.23 33.12 24.58
N PRO A 67 16.10 33.74 24.93
CA PRO A 67 14.86 33.45 24.21
C PRO A 67 14.93 33.82 22.74
N ASP A 68 15.75 34.80 22.38
CA ASP A 68 15.90 35.24 21.01
C ASP A 68 17.04 34.55 20.27
N GLY A 69 17.72 33.63 20.93
CA GLY A 69 18.76 32.86 20.30
C GLY A 69 20.15 33.33 20.66
N VAL A 70 21.11 32.40 20.58
CA VAL A 70 22.52 32.67 20.86
C VAL A 70 23.28 32.59 19.54
N THR A 71 24.24 33.49 19.35
CA THR A 71 25.18 33.36 18.26
C THR A 71 26.24 32.33 18.67
N MET A 72 26.38 31.26 17.89
CA MET A 72 27.41 30.27 18.16
C MET A 72 28.41 30.20 17.02
N GLU A 73 29.67 29.98 17.38
CA GLU A 73 30.78 30.13 16.45
C GLU A 73 31.04 28.81 15.74
N LEU A 74 31.51 28.92 14.51
CA LEU A 74 31.92 27.81 13.67
C LEU A 74 33.38 28.03 13.26
N HIS A 75 33.96 27.05 12.59
CA HIS A 75 35.31 27.24 12.08
C HIS A 75 35.34 28.39 11.06
N SER A 76 36.55 28.82 10.73
CA SER A 76 36.75 29.94 9.81
C SER A 76 36.02 31.19 10.31
N GLY A 77 35.88 31.31 11.62
CA GLY A 77 35.25 32.49 12.20
C GLY A 77 33.85 32.76 11.72
N ARG A 78 33.12 31.72 11.32
CA ARG A 78 31.73 31.89 10.95
C ARG A 78 30.83 31.70 12.16
N GLU A 79 29.57 32.15 12.04
CA GLU A 79 28.64 32.04 13.14
C GLU A 79 27.22 31.76 12.63
N ILE A 80 26.38 31.33 13.55
CA ILE A 80 24.99 30.98 13.26
C ILE A 80 24.15 31.26 14.51
N LEU A 81 23.03 31.94 14.32
CA LEU A 81 22.09 32.22 15.40
C LEU A 81 21.23 30.98 15.60
N VAL A 82 21.38 30.33 16.75
CA VAL A 82 20.61 29.14 17.10
C VAL A 82 19.54 29.54 18.10
N ARG A 83 18.28 29.21 17.79
CA ARG A 83 17.13 29.54 18.64
C ARG A 83 16.34 28.27 18.92
N LEU A 84 16.21 27.92 20.20
CA LEU A 84 15.54 26.69 20.60
C LEU A 84 14.14 26.99 21.14
N ILE A 85 13.15 26.28 20.64
CA ILE A 85 11.77 26.50 21.06
C ILE A 85 11.45 25.58 22.23
N ARG A 86 10.93 26.17 23.30
CA ARG A 86 10.42 25.38 24.42
C ARG A 86 8.93 25.18 24.19
N HIS A 87 8.56 23.96 23.80
CA HIS A 87 7.14 23.67 23.58
C HIS A 87 6.47 23.29 24.89
N ASP A 88 5.14 23.33 24.88
CA ASP A 88 4.34 22.71 25.93
C ASP A 88 4.74 21.23 26.05
N PRO A 89 5.15 20.78 27.24
CA PRO A 89 5.66 19.41 27.35
C PRO A 89 4.65 18.33 26.99
N ALA A 90 3.37 18.57 27.29
CA ALA A 90 2.34 17.60 26.95
C ALA A 90 2.13 17.57 25.43
N VAL A 91 2.04 18.75 24.80
CA VAL A 91 1.95 18.82 23.34
C VAL A 91 3.15 18.15 22.71
N PHE A 92 4.36 18.53 23.13
CA PHE A 92 5.59 18.00 22.53
C PHE A 92 5.65 16.48 22.62
N ARG A 93 5.40 15.92 23.80
CA ARG A 93 5.41 14.47 23.96
C ARG A 93 4.40 13.79 23.04
N ASN A 94 3.21 14.38 22.88
CA ASN A 94 2.19 13.73 22.06
C ASN A 94 2.57 13.76 20.59
N VAL A 95 3.06 14.92 20.12
CA VAL A 95 3.53 15.06 18.75
C VAL A 95 4.67 14.10 18.47
N GLN A 96 5.56 13.91 19.45
CA GLN A 96 6.58 12.89 19.28
C GLN A 96 5.96 11.50 19.15
N ASN A 97 4.89 11.22 19.90
CA ASN A 97 4.16 9.95 19.76
C ASN A 97 3.40 9.90 18.43
N PHE A 98 2.88 11.05 17.99
CA PHE A 98 2.22 11.16 16.69
C PHE A 98 3.16 10.79 15.55
N MET A 99 4.44 11.08 15.71
CA MET A 99 5.46 10.94 14.67
C MET A 99 6.05 9.54 14.59
N THR A 100 5.81 8.68 15.60
CA THR A 100 6.36 7.32 15.64
C THR A 100 5.43 6.33 14.93
N ALA A 101 5.84 5.06 14.91
CA ALA A 101 5.07 4.00 14.27
C ALA A 101 3.70 3.81 14.90
N ASN A 102 3.44 4.42 16.05
CA ASN A 102 2.08 4.46 16.55
C ASN A 102 1.15 5.18 15.58
N LEU A 103 1.69 6.12 14.77
CA LEU A 103 0.83 6.65 13.71
C LEU A 103 1.60 7.09 12.46
N MET A 104 2.25 8.26 12.47
CA MET A 104 2.65 8.85 11.18
C MET A 104 3.83 8.09 10.56
N TRP A 105 4.65 7.43 11.37
CA TRP A 105 5.75 6.66 10.78
C TRP A 105 5.22 5.47 9.98
N ALA A 106 4.19 4.80 10.50
CA ALA A 106 3.50 3.75 9.74
C ALA A 106 2.83 4.32 8.49
N ALA A 107 2.41 5.59 8.53
CA ALA A 107 1.75 6.22 7.39
C ALA A 107 2.69 6.41 6.22
N ASN A 108 3.91 6.91 6.48
CA ASN A 108 4.83 7.18 5.39
C ASN A 108 5.77 6.04 5.10
N ASN A 109 5.84 5.04 5.97
CA ASN A 109 6.83 3.99 5.81
C ASN A 109 6.16 2.63 5.69
N TYR A 110 4.88 2.59 5.31
CA TYR A 110 4.26 1.36 4.84
C TYR A 110 4.27 0.27 5.92
N GLY A 111 3.60 0.56 7.02
CA GLY A 111 3.53 -0.40 8.12
C GLY A 111 2.18 -1.05 8.41
N TRP A 112 1.12 -0.64 7.72
CA TRP A 112 -0.22 -1.12 8.02
C TRP A 112 -0.71 -2.15 7.00
N ASP A 113 -1.35 -3.20 7.51
CA ASP A 113 -1.89 -4.25 6.65
C ASP A 113 -3.30 -3.94 6.14
N ARG A 114 -3.95 -2.92 6.71
CA ARG A 114 -5.30 -2.46 6.35
C ARG A 114 -6.37 -3.44 6.84
N TRP A 115 -6.17 -4.75 6.67
CA TRP A 115 -7.19 -5.69 7.12
C TRP A 115 -7.39 -5.60 8.63
N THR A 116 -6.30 -5.46 9.38
CA THR A 116 -6.38 -5.46 10.84
C THR A 116 -5.93 -4.17 11.47
N GLN A 117 -5.15 -3.37 10.77
CA GLN A 117 -4.65 -2.09 11.26
C GLN A 117 -4.64 -1.12 10.11
N PRO A 118 -4.78 0.19 10.37
CA PRO A 118 -5.00 0.85 11.66
C PRO A 118 -6.49 0.99 11.94
N SER A 119 -6.87 1.40 13.15
CA SER A 119 -8.27 1.72 13.48
C SER A 119 -8.23 3.04 14.24
N PHE A 120 -8.45 4.15 13.53
CA PHE A 120 -8.21 5.45 14.15
C PHE A 120 -9.33 5.78 15.14
N GLY A 121 -8.94 6.18 16.34
CA GLY A 121 -9.91 6.62 17.33
C GLY A 121 -9.73 8.08 17.73
N SER A 122 -10.17 8.43 18.94
CA SER A 122 -10.01 9.81 19.39
C SER A 122 -8.53 10.18 19.56
N ASP A 123 -7.67 9.19 19.83
CA ASP A 123 -6.23 9.43 19.94
C ASP A 123 -5.69 10.16 18.72
N ALA A 124 -6.11 9.73 17.52
CA ALA A 124 -5.64 10.38 16.28
C ALA A 124 -6.13 11.82 16.18
N ARG A 125 -7.38 12.09 16.61
CA ARG A 125 -7.88 13.46 16.55
C ARG A 125 -7.11 14.37 17.51
N GLU A 126 -6.86 13.89 18.73
CA GLU A 126 -6.07 14.67 19.68
C GLU A 126 -4.62 14.78 19.23
N GLY A 127 -4.06 13.71 18.65
CA GLY A 127 -2.72 13.82 18.08
C GLY A 127 -2.62 14.90 17.02
N TRP A 128 -3.63 15.00 16.15
CA TRP A 128 -3.56 16.00 15.08
C TRP A 128 -3.74 17.42 15.61
N ALA A 129 -4.54 17.59 16.66
CA ALA A 129 -4.67 18.90 17.27
C ALA A 129 -3.35 19.33 17.89
N ASP A 130 -2.69 18.44 18.62
CA ASP A 130 -1.38 18.74 19.20
C ASP A 130 -0.36 19.08 18.12
N PHE A 131 -0.42 18.37 17.00
CA PHE A 131 0.45 18.70 15.87
C PHE A 131 0.21 20.12 15.38
N GLY A 132 -1.06 20.57 15.37
CA GLY A 132 -1.34 21.94 14.95
C GLY A 132 -0.75 22.97 15.89
N ARG A 133 -0.88 22.74 17.21
CA ARG A 133 -0.27 23.63 18.19
C ARG A 133 1.25 23.67 18.04
N PHE A 134 1.86 22.51 17.78
CA PHE A 134 3.31 22.42 17.63
C PHE A 134 3.78 23.16 16.38
N THR A 135 3.07 22.95 15.26
CA THR A 135 3.38 23.67 14.03
C THR A 135 3.31 25.18 14.22
N ARG A 136 2.32 25.66 14.97
CA ARG A 136 2.20 27.10 15.19
C ARG A 136 3.36 27.63 16.04
N ASP A 137 3.81 26.86 17.03
CA ASP A 137 5.03 27.15 17.77
C ASP A 137 6.18 27.48 16.83
N PHE A 138 6.49 26.56 15.93
CA PHE A 138 7.63 26.74 15.04
C PHE A 138 7.46 27.95 14.15
N ALA A 139 6.29 28.10 13.53
CA ALA A 139 6.10 29.18 12.58
C ALA A 139 6.25 30.52 13.26
N ASP A 140 5.67 30.67 14.45
CA ASP A 140 5.78 31.93 15.19
C ASP A 140 7.24 32.23 15.53
N ALA A 141 7.97 31.23 15.99
CA ALA A 141 9.38 31.44 16.35
C ALA A 141 10.24 31.69 15.12
N ILE A 142 9.95 30.99 14.00
CA ILE A 142 10.69 31.25 12.77
C ILE A 142 10.44 32.68 12.30
N LEU A 143 9.17 33.08 12.23
CA LEU A 143 8.85 34.42 11.76
C LEU A 143 9.41 35.49 12.69
N LYS A 144 9.36 35.24 14.00
CA LYS A 144 9.90 36.21 14.94
C LYS A 144 11.41 36.37 14.74
N SER A 145 12.11 35.26 14.49
CA SER A 145 13.54 35.32 14.24
C SER A 145 13.88 36.04 12.94
N SER A 146 12.97 36.03 11.97
CA SER A 146 13.20 36.63 10.68
C SER A 146 12.46 37.96 10.53
N ALA A 147 11.90 38.48 11.62
CA ALA A 147 11.00 39.64 11.54
C ALA A 147 11.68 40.87 10.95
N GLN A 148 13.00 40.99 11.11
CA GLN A 148 13.73 42.18 10.68
C GLN A 148 14.43 41.99 9.34
N SER A 149 14.38 40.80 8.74
CA SER A 149 15.07 40.54 7.50
C SER A 149 14.19 40.96 6.33
N ALA A 150 14.77 41.67 5.36
CA ALA A 150 13.99 42.14 4.23
C ALA A 150 13.56 40.99 3.31
N ASP A 151 14.44 40.01 3.10
CA ASP A 151 14.22 38.98 2.10
C ASP A 151 14.66 37.62 2.62
N PRO A 152 14.06 37.15 3.71
CA PRO A 152 14.52 35.89 4.32
C PRO A 152 14.27 34.69 3.41
N VAL A 153 15.20 33.73 3.47
CA VAL A 153 15.12 32.47 2.73
C VAL A 153 14.88 31.37 3.75
N TYR A 154 13.77 30.63 3.60
CA TYR A 154 13.34 29.66 4.60
C TYR A 154 13.62 28.24 4.11
N LEU A 155 14.32 27.47 4.93
CA LEU A 155 14.57 26.06 4.66
C LEU A 155 13.96 25.28 5.81
N VAL A 156 13.00 24.41 5.50
CA VAL A 156 12.29 23.63 6.52
C VAL A 156 12.63 22.16 6.33
N HIS A 157 13.13 21.52 7.38
CA HIS A 157 13.56 20.12 7.38
C HIS A 157 12.83 19.34 8.46
N ASP A 158 12.71 18.03 8.24
CA ASP A 158 12.18 17.01 9.16
C ASP A 158 10.66 16.92 9.08
N TYR A 159 10.16 15.68 9.09
CA TYR A 159 8.74 15.46 8.85
C TYR A 159 7.88 16.15 9.90
N GLN A 160 8.42 16.33 11.12
CA GLN A 160 7.71 17.06 12.17
C GLN A 160 7.28 18.44 11.73
N LEU A 161 7.90 19.00 10.69
CA LEU A 161 7.65 20.39 10.33
C LEU A 161 6.87 20.53 9.03
N VAL A 162 6.24 19.45 8.54
CA VAL A 162 5.54 19.56 7.26
C VAL A 162 4.40 20.56 7.28
N GLY A 163 3.83 20.87 8.46
CA GLY A 163 2.79 21.89 8.47
C GLY A 163 3.30 23.33 8.43
N VAL A 164 4.61 23.53 8.54
CA VAL A 164 5.18 24.87 8.72
C VAL A 164 5.10 25.75 7.48
N PRO A 165 5.33 25.25 6.26
CA PRO A 165 5.35 26.18 5.11
C PRO A 165 4.07 26.99 4.95
N ALA A 166 2.90 26.39 5.18
CA ALA A 166 1.65 27.15 5.05
C ALA A 166 1.62 28.33 5.99
N LEU A 167 2.12 28.16 7.22
CA LEU A 167 2.05 29.25 8.19
C LEU A 167 3.08 30.33 7.90
N LEU A 168 4.26 29.96 7.39
CA LEU A 168 5.23 30.96 6.95
C LEU A 168 4.69 31.75 5.77
N ARG A 169 4.12 31.04 4.79
CA ARG A 169 3.57 31.70 3.61
C ARG A 169 2.47 32.70 3.96
N GLU A 170 1.68 32.42 5.01
CA GLU A 170 0.59 33.31 5.36
C GLU A 170 1.09 34.69 5.76
N GLN A 171 2.26 34.76 6.37
CA GLN A 171 2.81 36.04 6.79
C GLN A 171 3.92 36.54 5.87
N ARG A 172 4.46 35.67 5.02
CA ARG A 172 5.55 36.01 4.11
C ARG A 172 5.17 35.52 2.71
N PRO A 173 4.24 36.21 2.05
CA PRO A 173 3.74 35.74 0.74
C PRO A 173 4.83 35.58 -0.31
N ASP A 174 5.91 36.35 -0.22
CA ASP A 174 6.90 36.43 -1.28
C ASP A 174 8.20 35.71 -0.97
N ALA A 175 8.29 35.01 0.17
CA ALA A 175 9.59 34.47 0.55
C ALA A 175 9.87 33.18 -0.21
N PRO A 176 11.15 32.87 -0.45
CA PRO A 176 11.50 31.50 -0.86
C PRO A 176 11.33 30.57 0.33
N ILE A 177 10.58 29.48 0.13
CA ILE A 177 10.38 28.47 1.17
C ILE A 177 10.63 27.10 0.55
N LEU A 178 11.64 26.41 1.06
CA LEU A 178 11.91 25.01 0.72
C LEU A 178 11.50 24.13 1.89
N LEU A 179 10.74 23.08 1.61
CA LEU A 179 10.50 22.01 2.58
C LEU A 179 11.17 20.76 2.03
N PHE A 180 11.97 20.10 2.86
CA PHE A 180 12.57 18.85 2.45
C PHE A 180 12.04 17.73 3.31
N VAL A 181 11.51 16.71 2.67
CA VAL A 181 10.96 15.52 3.32
C VAL A 181 11.97 14.41 3.13
N ALA A 182 12.48 13.87 4.24
CA ALA A 182 13.56 12.90 4.21
C ALA A 182 13.07 11.47 4.35
N ILE A 183 11.77 11.23 4.25
CA ILE A 183 11.23 9.88 4.36
C ILE A 183 10.43 9.61 3.09
N PRO A 184 9.91 8.40 2.88
CA PRO A 184 9.15 8.15 1.66
C PRO A 184 7.81 8.88 1.69
N TRP A 185 7.24 9.00 0.50
CA TRP A 185 5.84 9.35 0.41
C TRP A 185 5.11 8.14 -0.14
N PRO A 186 4.03 7.68 0.51
CA PRO A 186 3.36 6.46 0.07
C PRO A 186 2.44 6.70 -1.12
N SER A 187 2.06 5.60 -1.78
CA SER A 187 1.09 5.65 -2.86
C SER A 187 -0.18 6.33 -2.37
N ALA A 188 -0.91 6.94 -3.30
CA ALA A 188 -2.16 7.63 -2.96
C ALA A 188 -3.13 6.73 -2.16
N ASP A 189 -3.33 5.47 -2.58
CA ASP A 189 -4.27 4.61 -1.87
C ASP A 189 -3.87 4.44 -0.41
N TYR A 190 -2.56 4.32 -0.16
CA TYR A 190 -2.08 4.11 1.19
C TYR A 190 -2.11 5.41 2.00
N TRP A 191 -1.70 6.52 1.39
CA TRP A 191 -1.80 7.80 2.08
C TRP A 191 -3.22 8.03 2.59
N ARG A 192 -4.22 7.70 1.79
CA ARG A 192 -5.58 8.04 2.24
C ARG A 192 -6.14 7.07 3.29
N ILE A 193 -5.33 6.13 3.78
CA ILE A 193 -5.69 5.39 4.99
C ILE A 193 -5.95 6.37 6.14
N LEU A 194 -5.18 7.46 6.19
CA LEU A 194 -5.25 8.42 7.29
C LEU A 194 -6.64 9.05 7.40
N PRO A 195 -7.07 9.44 8.60
CA PRO A 195 -8.32 10.21 8.75
C PRO A 195 -8.32 11.42 7.81
N LYS A 196 -9.53 11.80 7.37
CA LYS A 196 -9.68 12.85 6.37
C LYS A 196 -8.98 14.15 6.77
N GLU A 197 -9.10 14.57 8.04
CA GLU A 197 -8.53 15.85 8.43
C GLU A 197 -7.00 15.81 8.40
N ILE A 198 -6.42 14.62 8.57
CA ILE A 198 -4.95 14.51 8.53
C ILE A 198 -4.45 14.37 7.09
N ARG A 199 -5.06 13.49 6.29
CA ARG A 199 -4.53 13.26 4.95
C ARG A 199 -4.62 14.52 4.10
N THR A 200 -5.64 15.34 4.33
CA THR A 200 -5.73 16.61 3.60
C THR A 200 -4.98 17.72 4.31
N GLY A 201 -5.05 17.79 5.65
CA GLY A 201 -4.38 18.87 6.37
C GLY A 201 -2.88 18.87 6.20
N ILE A 202 -2.26 17.69 6.09
CA ILE A 202 -0.82 17.68 5.87
C ILE A 202 -0.49 18.22 4.47
N LEU A 203 -1.30 17.88 3.46
CA LEU A 203 -1.05 18.41 2.11
C LEU A 203 -1.27 19.91 2.06
N HIS A 204 -2.29 20.41 2.78
CA HIS A 204 -2.53 21.85 2.88
C HIS A 204 -1.36 22.58 3.51
N GLY A 205 -0.68 21.95 4.46
CA GLY A 205 0.46 22.57 5.10
C GLY A 205 1.70 22.60 4.24
N MET A 206 1.90 21.59 3.39
CA MET A 206 3.14 21.51 2.62
C MET A 206 3.08 22.32 1.33
N LEU A 207 1.94 22.32 0.64
CA LEU A 207 1.90 22.89 -0.71
C LEU A 207 2.27 24.37 -0.79
N PRO A 208 2.10 25.21 0.23
CA PRO A 208 2.56 26.60 0.10
C PRO A 208 4.07 26.79 -0.01
N ALA A 209 4.88 25.77 0.21
CA ALA A 209 6.31 25.91 -0.07
C ALA A 209 6.55 26.29 -1.53
N THR A 210 7.64 27.03 -1.76
CA THR A 210 8.13 27.26 -3.12
C THR A 210 8.58 25.94 -3.75
N THR A 211 9.29 25.12 -2.96
CA THR A 211 9.89 23.88 -3.39
C THR A 211 9.63 22.81 -2.34
N ILE A 212 9.27 21.59 -2.77
CA ILE A 212 9.24 20.44 -1.88
C ILE A 212 10.25 19.42 -2.43
N GLY A 213 11.25 19.09 -1.64
CA GLY A 213 12.27 18.14 -2.04
C GLY A 213 12.04 16.81 -1.38
N PHE A 214 12.25 15.74 -2.14
CA PHE A 214 12.37 14.39 -1.60
C PHE A 214 13.71 13.79 -2.04
N PHE A 215 14.06 12.66 -1.45
CA PHE A 215 15.30 11.98 -1.79
C PHE A 215 15.21 11.22 -3.11
N ALA A 216 14.01 10.90 -3.57
CA ALA A 216 13.82 9.97 -4.68
C ALA A 216 12.66 10.41 -5.55
N ASP A 217 12.79 10.14 -6.84
CA ASP A 217 11.71 10.34 -7.80
C ASP A 217 10.43 9.65 -7.38
N ARG A 218 10.52 8.39 -6.90
CA ARG A 218 9.30 7.66 -6.56
C ARG A 218 8.46 8.40 -5.52
N TRP A 219 9.13 9.04 -4.57
CA TRP A 219 8.37 9.73 -3.51
C TRP A 219 7.72 10.99 -4.07
N CYS A 220 8.42 11.71 -4.96
CA CYS A 220 7.78 12.83 -5.65
C CYS A 220 6.55 12.37 -6.41
N ARG A 221 6.68 11.27 -7.15
CA ARG A 221 5.53 10.76 -7.89
C ARG A 221 4.38 10.43 -6.94
N ASN A 222 4.66 9.69 -5.87
CA ASN A 222 3.58 9.32 -4.95
C ASN A 222 2.96 10.56 -4.33
N PHE A 223 3.77 11.56 -4.01
CA PHE A 223 3.23 12.80 -3.47
C PHE A 223 2.28 13.47 -4.46
N LEU A 224 2.68 13.56 -5.74
CA LEU A 224 1.81 14.15 -6.74
C LEU A 224 0.51 13.38 -6.87
N GLU A 225 0.57 12.04 -6.84
CA GLU A 225 -0.67 11.26 -6.99
C GLU A 225 -1.59 11.44 -5.79
N SER A 226 -1.00 11.62 -4.60
CA SER A 226 -1.78 11.90 -3.40
C SER A 226 -2.48 13.24 -3.52
N VAL A 227 -1.78 14.25 -4.05
CA VAL A 227 -2.39 15.57 -4.23
C VAL A 227 -3.57 15.47 -5.20
N ALA A 228 -3.34 14.86 -6.36
CA ALA A 228 -4.41 14.70 -7.34
C ALA A 228 -5.59 13.92 -6.77
N ASP A 229 -5.32 12.88 -5.99
CA ASP A 229 -6.39 12.05 -5.44
C ASP A 229 -7.24 12.84 -4.45
N LEU A 230 -6.62 13.65 -3.59
CA LEU A 230 -7.31 14.20 -2.43
C LEU A 230 -7.72 15.67 -2.57
N LEU A 231 -7.11 16.44 -3.46
CA LEU A 231 -7.44 17.86 -3.57
C LEU A 231 -8.05 18.12 -4.93
N PRO A 232 -9.39 18.12 -5.03
CA PRO A 232 -10.03 18.31 -6.34
C PRO A 232 -9.69 19.65 -6.97
N ASP A 233 -9.18 20.60 -6.18
CA ASP A 233 -8.85 21.94 -6.62
C ASP A 233 -7.44 22.01 -7.19
N ALA A 234 -6.63 20.98 -7.00
CA ALA A 234 -5.24 21.02 -7.43
C ALA A 234 -5.11 20.47 -8.84
N ARG A 235 -4.10 20.99 -9.54
CA ARG A 235 -3.72 20.49 -10.86
C ARG A 235 -2.26 20.08 -10.80
N ILE A 236 -1.98 18.80 -11.04
CA ILE A 236 -0.60 18.32 -11.03
C ILE A 236 -0.12 18.17 -12.46
N ASP A 237 1.19 18.29 -12.64
CA ASP A 237 1.84 18.02 -13.91
C ASP A 237 2.94 17.01 -13.61
N ARG A 238 2.71 15.76 -14.01
CA ARG A 238 3.63 14.69 -13.69
C ARG A 238 4.97 14.87 -14.39
N GLU A 239 4.97 15.46 -15.58
CA GLU A 239 6.22 15.70 -16.29
C GLU A 239 6.99 16.84 -15.65
N ALA A 240 6.33 17.98 -15.46
CA ALA A 240 6.97 19.17 -14.91
C ALA A 240 7.23 19.07 -13.41
N MET A 241 6.67 18.07 -12.73
CA MET A 241 6.81 17.93 -11.27
C MET A 241 6.29 19.17 -10.55
N THR A 242 5.10 19.62 -10.94
CA THR A 242 4.53 20.81 -10.33
C THR A 242 3.11 20.55 -9.85
N VAL A 243 2.72 21.35 -8.87
CA VAL A 243 1.35 21.44 -8.37
C VAL A 243 0.91 22.89 -8.50
N GLU A 244 -0.29 23.10 -8.98
CA GLU A 244 -0.95 24.40 -8.86
C GLU A 244 -2.22 24.21 -8.06
N TRP A 245 -2.35 24.99 -6.99
CA TRP A 245 -3.44 24.78 -6.05
C TRP A 245 -3.72 26.11 -5.38
N ARG A 246 -4.99 26.52 -5.42
CA ARG A 246 -5.45 27.75 -4.76
C ARG A 246 -4.44 28.89 -4.90
N GLY A 247 -3.91 29.08 -6.11
CA GLY A 247 -2.89 30.07 -6.36
C GLY A 247 -1.45 29.61 -6.11
N HIS A 248 -1.23 28.70 -5.16
CA HIS A 248 0.11 28.22 -4.88
C HIS A 248 0.66 27.44 -6.08
N ARG A 249 1.82 27.84 -6.59
CA ARG A 249 2.55 27.03 -7.56
C ARG A 249 3.76 26.40 -6.85
N THR A 250 3.79 25.07 -6.80
CA THR A 250 4.79 24.32 -6.05
C THR A 250 5.60 23.44 -6.98
N ARG A 251 6.92 23.50 -6.87
CA ARG A 251 7.83 22.60 -7.61
C ARG A 251 8.33 21.49 -6.71
N LEU A 252 8.25 20.25 -7.21
CA LEU A 252 8.77 19.07 -6.53
C LEU A 252 10.13 18.73 -7.13
N ARG A 253 11.11 18.45 -6.29
CA ARG A 253 12.43 18.12 -6.78
C ARG A 253 12.93 16.86 -6.09
N THR A 254 13.72 16.09 -6.83
CA THR A 254 14.46 14.97 -6.27
C THR A 254 15.86 15.46 -5.99
N MET A 255 16.31 15.31 -4.75
CA MET A 255 17.60 15.85 -4.32
C MET A 255 18.28 14.77 -3.51
N PRO A 256 18.90 13.79 -4.18
CA PRO A 256 19.52 12.68 -3.46
C PRO A 256 20.63 13.14 -2.53
N LEU A 257 20.77 12.42 -1.41
CA LEU A 257 21.85 12.59 -0.46
C LEU A 257 22.50 11.23 -0.26
N GLY A 258 23.82 11.22 -0.23
CA GLY A 258 24.52 9.96 -0.02
C GLY A 258 25.21 9.84 1.33
N TYR A 259 26.06 10.80 1.68
CA TYR A 259 26.91 10.67 2.85
C TYR A 259 27.55 12.01 3.15
N SER A 260 28.01 12.15 4.40
CA SER A 260 28.85 13.27 4.80
C SER A 260 30.29 12.80 4.83
N PRO A 261 31.20 13.43 4.10
CA PRO A 261 32.61 13.00 4.14
C PRO A 261 33.21 13.04 5.54
N LEU A 262 32.90 14.07 6.32
CA LEU A 262 33.46 14.22 7.66
C LEU A 262 33.16 13.00 8.51
N THR A 263 31.87 12.82 8.82
CA THR A 263 31.46 11.75 9.73
C THR A 263 31.94 10.40 9.22
N LEU A 264 31.76 10.13 7.94
CA LEU A 264 32.09 8.83 7.38
C LEU A 264 33.59 8.67 7.22
N PRO A 269 38.28 2.75 12.99
CA PRO A 269 38.21 2.51 14.43
C PRO A 269 38.10 1.03 14.83
N GLN A 270 37.76 0.81 16.08
CA GLN A 270 37.67 -0.52 16.64
C GLN A 270 36.31 -1.16 16.34
N LEU A 271 36.32 -2.48 16.27
CA LEU A 271 35.10 -3.28 16.22
C LEU A 271 34.49 -3.38 17.61
N PRO A 272 33.20 -3.72 17.71
CA PRO A 272 32.61 -3.90 19.05
C PRO A 272 33.24 -5.08 19.78
N GLU A 273 33.08 -5.09 21.10
CA GLU A 273 33.76 -6.09 21.92
C GLU A 273 33.28 -7.48 21.56
N GLY A 274 34.23 -8.36 21.25
CA GLY A 274 33.95 -9.73 20.91
C GLY A 274 33.79 -10.01 19.43
N ILE A 275 33.61 -8.99 18.60
CA ILE A 275 33.22 -9.22 17.21
C ILE A 275 34.43 -9.60 16.36
N GLU A 276 35.56 -8.91 16.54
CA GLU A 276 36.70 -9.21 15.69
C GLU A 276 37.11 -10.67 15.83
N GLU A 277 37.21 -11.16 17.08
CA GLU A 277 37.62 -12.54 17.28
C GLU A 277 36.53 -13.52 16.89
N TRP A 278 35.26 -13.15 17.14
CA TRP A 278 34.16 -13.99 16.68
C TRP A 278 34.17 -14.14 15.16
N ALA A 279 34.43 -13.04 14.44
CA ALA A 279 34.45 -13.10 12.99
C ALA A 279 35.72 -13.69 12.39
N ASP A 280 36.79 -13.85 13.19
CA ASP A 280 38.08 -14.26 12.65
C ASP A 280 37.99 -15.59 11.90
N GLY A 281 38.63 -15.65 10.74
CA GLY A 281 38.61 -16.83 9.91
C GLY A 281 37.27 -17.07 9.21
N HIS A 282 36.33 -16.15 9.34
CA HIS A 282 35.03 -16.27 8.71
C HIS A 282 34.81 -15.08 7.77
N ARG A 283 34.18 -15.34 6.65
CA ARG A 283 33.53 -14.26 5.94
C ARG A 283 32.39 -13.71 6.79
N LEU A 284 32.17 -12.41 6.74
CA LEU A 284 31.23 -11.75 7.65
C LEU A 284 30.16 -11.01 6.84
N VAL A 285 28.93 -11.49 6.94
CA VAL A 285 27.76 -10.79 6.42
C VAL A 285 27.32 -9.76 7.45
N VAL A 286 27.16 -8.51 7.02
CA VAL A 286 26.78 -7.44 7.94
C VAL A 286 25.46 -6.85 7.48
N HIS A 287 24.48 -6.86 8.38
CA HIS A 287 23.26 -6.07 8.23
C HIS A 287 23.27 -5.00 9.32
N SER A 288 23.01 -3.75 8.93
CA SER A 288 23.10 -2.67 9.90
C SER A 288 21.91 -1.72 9.76
N GLY A 289 21.31 -1.34 10.89
CA GLY A 289 20.26 -0.36 10.84
C GLY A 289 19.65 -0.18 12.20
N ARG A 290 18.88 0.91 12.32
CA ARG A 290 18.16 1.25 13.53
C ARG A 290 17.19 0.14 13.90
N THR A 291 16.77 0.13 15.17
CA THR A 291 15.72 -0.79 15.61
C THR A 291 14.37 -0.25 15.12
N ASP A 292 14.19 -0.38 13.81
CA ASP A 292 13.00 0.10 13.12
C ASP A 292 12.54 -1.02 12.21
N PRO A 293 11.24 -1.35 12.18
CA PRO A 293 10.76 -2.44 11.32
C PRO A 293 11.20 -2.30 9.86
N ILE A 294 11.34 -1.07 9.34
CA ILE A 294 11.67 -0.93 7.92
C ILE A 294 13.05 -1.51 7.57
N LYS A 295 13.97 -1.59 8.54
CA LYS A 295 15.33 -2.03 8.22
C LYS A 295 15.40 -3.53 7.86
N ASN A 296 14.39 -4.33 8.23
CA ASN A 296 14.13 -5.64 7.62
C ASN A 296 15.16 -6.71 7.99
N ALA A 297 15.79 -6.61 9.16
CA ALA A 297 16.83 -7.59 9.51
C ALA A 297 16.26 -8.97 9.78
N GLU A 298 14.98 -9.09 10.15
CA GLU A 298 14.39 -10.42 10.31
C GLU A 298 14.44 -11.17 8.99
N ARG A 299 14.00 -10.53 7.91
CA ARG A 299 13.99 -11.22 6.64
C ARG A 299 15.41 -11.49 6.14
N ALA A 300 16.35 -10.59 6.46
CA ALA A 300 17.74 -10.81 6.08
C ALA A 300 18.29 -12.06 6.73
N VAL A 301 17.96 -12.28 8.00
CA VAL A 301 18.46 -13.47 8.68
C VAL A 301 17.82 -14.72 8.10
N ARG A 302 16.51 -14.70 7.83
CA ARG A 302 15.85 -15.85 7.22
C ARG A 302 16.44 -16.14 5.84
N ALA A 303 16.71 -15.10 5.06
CA ALA A 303 17.31 -15.34 3.74
C ALA A 303 18.71 -15.93 3.87
N PHE A 304 19.49 -15.42 4.83
CA PHE A 304 20.81 -16.00 5.09
C PHE A 304 20.70 -17.48 5.41
N VAL A 305 19.71 -17.88 6.23
CA VAL A 305 19.53 -19.29 6.58
C VAL A 305 19.20 -20.10 5.33
N LEU A 306 18.28 -19.59 4.50
CA LEU A 306 18.00 -20.24 3.22
C LEU A 306 19.25 -20.35 2.34
N ALA A 307 20.13 -19.34 2.39
CA ALA A 307 21.36 -19.45 1.60
C ALA A 307 22.28 -20.52 2.17
N ALA A 308 22.39 -20.58 3.51
CA ALA A 308 23.29 -21.55 4.13
C ALA A 308 22.83 -22.99 3.86
N ARG A 309 21.52 -23.21 3.73
CA ARG A 309 21.03 -24.53 3.35
C ARG A 309 21.52 -24.95 1.97
N GLY A 310 21.75 -23.99 1.07
CA GLY A 310 22.26 -24.31 -0.26
C GLY A 310 23.72 -24.77 -0.27
N GLY A 311 24.46 -24.53 0.80
CA GLY A 311 25.86 -24.89 0.86
C GLY A 311 26.77 -23.77 0.38
N GLY A 312 28.05 -23.90 0.73
CA GLY A 312 29.06 -22.93 0.37
C GLY A 312 29.26 -21.82 1.38
N LEU A 313 28.57 -21.87 2.51
CA LEU A 313 28.62 -20.84 3.54
C LEU A 313 29.14 -21.43 4.86
N GLU A 314 30.03 -22.42 4.78
CA GLU A 314 30.43 -23.15 5.98
C GLU A 314 31.17 -22.27 6.97
N LYS A 315 32.10 -21.44 6.48
CA LYS A 315 32.79 -20.53 7.35
C LYS A 315 32.32 -19.10 7.08
N THR A 316 31.02 -18.89 7.16
CA THR A 316 30.42 -17.57 7.05
C THR A 316 29.58 -17.32 8.30
N ARG A 317 29.71 -16.13 8.86
CA ARG A 317 28.89 -15.70 9.97
C ARG A 317 28.15 -14.43 9.56
N MET A 318 27.15 -14.06 10.35
CA MET A 318 26.40 -12.88 9.99
C MET A 318 26.19 -12.07 11.27
N LEU A 319 26.48 -10.78 11.17
CA LEU A 319 26.29 -9.84 12.25
C LEU A 319 25.08 -9.00 11.90
N VAL A 320 24.15 -8.91 12.84
CA VAL A 320 23.02 -8.01 12.78
C VAL A 320 23.35 -6.85 13.70
N ARG A 321 23.80 -5.75 13.12
CA ARG A 321 24.19 -4.58 13.90
C ARG A 321 22.99 -3.64 13.96
N MET A 322 22.59 -3.28 15.19
CA MET A 322 21.37 -2.51 15.44
C MET A 322 21.68 -1.27 16.27
N ASN A 323 21.07 -0.14 15.88
CA ASN A 323 21.17 1.08 16.68
C ASN A 323 19.86 1.26 17.44
N PRO A 324 19.86 1.22 18.78
CA PRO A 324 18.59 1.25 19.50
C PRO A 324 17.92 2.61 19.38
N ASN A 325 16.64 2.59 19.02
CA ASN A 325 15.94 3.84 18.75
C ASN A 325 14.46 3.63 18.96
N ARG A 326 13.85 4.53 19.73
CA ARG A 326 12.41 4.53 20.01
C ARG A 326 11.91 3.14 20.37
N LEU A 327 12.65 2.46 21.24
CA LEU A 327 12.22 1.14 21.67
C LEU A 327 10.93 1.19 22.48
N TYR A 328 10.50 2.37 22.94
CA TYR A 328 9.21 2.52 23.59
C TYR A 328 8.04 2.39 22.63
N VAL A 329 8.28 2.37 21.31
CA VAL A 329 7.22 2.09 20.35
C VAL A 329 7.03 0.58 20.25
N PRO A 330 5.78 0.09 20.29
CA PRO A 330 5.58 -1.36 20.20
C PRO A 330 6.06 -1.99 18.91
N ALA A 331 6.05 -1.26 17.79
CA ALA A 331 6.52 -1.83 16.53
C ALA A 331 8.04 -2.01 16.53
N ASN A 332 8.76 -1.07 17.14
CA ASN A 332 10.21 -1.17 17.25
C ASN A 332 10.61 -2.29 18.19
N ALA A 333 9.94 -2.40 19.34
CA ALA A 333 10.24 -3.52 20.24
C ALA A 333 9.88 -4.85 19.61
N ASP A 334 8.73 -4.93 18.92
CA ASP A 334 8.34 -6.17 18.25
C ASP A 334 9.34 -6.56 17.19
N TYR A 335 9.87 -5.57 16.45
CA TYR A 335 10.89 -5.83 15.44
C TYR A 335 12.11 -6.48 16.08
N VAL A 336 12.60 -5.89 17.17
CA VAL A 336 13.77 -6.47 17.86
C VAL A 336 13.47 -7.90 18.32
N HIS A 337 12.30 -8.11 18.92
CA HIS A 337 11.89 -9.44 19.32
C HIS A 337 11.85 -10.40 18.13
N ARG A 338 11.38 -9.94 16.98
CA ARG A 338 11.30 -10.81 15.81
C ARG A 338 12.69 -11.11 15.26
N VAL A 339 13.58 -10.14 15.28
CA VAL A 339 14.94 -10.41 14.84
C VAL A 339 15.61 -11.40 15.78
N GLU A 340 15.43 -11.21 17.09
CA GLU A 340 16.03 -12.11 18.06
C GLU A 340 15.54 -13.55 17.85
N THR A 341 14.24 -13.72 17.63
CA THR A 341 13.69 -15.05 17.39
C THR A 341 14.29 -15.69 16.14
N ALA A 342 14.50 -14.91 15.08
CA ALA A 342 15.08 -15.46 13.85
C ALA A 342 16.54 -15.84 14.04
N VAL A 343 17.30 -14.99 14.73
CA VAL A 343 18.69 -15.31 15.00
C VAL A 343 18.79 -16.57 15.85
N ALA A 344 17.93 -16.68 16.87
CA ALA A 344 17.89 -17.88 17.71
C ALA A 344 17.61 -19.12 16.88
N GLU A 345 16.63 -19.05 15.98
CA GLU A 345 16.34 -20.17 15.09
C GLU A 345 17.46 -20.39 14.07
N ALA A 346 18.15 -19.33 13.64
CA ALA A 346 19.28 -19.51 12.73
C ALA A 346 20.41 -20.29 13.39
N ASN A 347 20.71 -19.98 14.65
CA ASN A 347 21.82 -20.63 15.34
C ASN A 347 21.47 -22.06 15.71
N ALA A 348 20.23 -22.30 16.11
CA ALA A 348 19.80 -23.66 16.43
C ALA A 348 19.89 -24.56 15.21
N GLU A 349 19.61 -24.03 14.02
CA GLU A 349 19.64 -24.86 12.82
C GLU A 349 21.03 -24.97 12.21
N LEU A 350 21.78 -23.88 12.13
CA LEU A 350 23.08 -23.90 11.46
C LEU A 350 24.25 -24.12 12.40
N GLY A 351 24.07 -23.87 13.69
CA GLY A 351 25.15 -24.05 14.66
C GLY A 351 25.32 -22.81 15.50
N SER A 352 25.77 -23.02 16.73
CA SER A 352 25.95 -21.94 17.70
C SER A 352 26.84 -20.84 17.15
N ASP A 353 26.51 -19.59 17.50
CA ASP A 353 27.27 -18.39 17.08
C ASP A 353 27.48 -18.28 15.58
N THR A 354 26.56 -18.78 14.76
CA THR A 354 26.61 -18.43 13.34
C THR A 354 26.19 -16.98 13.15
N VAL A 355 25.13 -16.56 13.85
CA VAL A 355 24.55 -15.23 13.72
C VAL A 355 24.56 -14.57 15.08
N ARG A 356 24.96 -13.30 15.11
CA ARG A 356 25.01 -12.51 16.33
C ARG A 356 24.31 -11.18 16.08
N ILE A 357 23.56 -10.73 17.08
CA ILE A 357 23.03 -9.38 17.14
C ILE A 357 23.96 -8.53 18.00
N ASP A 358 24.32 -7.35 17.50
CA ASP A 358 25.03 -6.36 18.32
C ASP A 358 24.20 -5.09 18.31
N ASN A 359 23.48 -4.84 19.42
CA ASN A 359 22.49 -3.77 19.54
C ASN A 359 23.04 -2.67 20.46
N ASP A 360 23.70 -1.68 19.86
CA ASP A 360 24.30 -0.62 20.65
C ASP A 360 24.45 0.63 19.80
N ASN A 361 24.53 1.77 20.47
CA ASN A 361 24.60 3.09 19.85
C ASN A 361 26.06 3.56 19.86
N ASP A 362 26.72 3.45 18.70
CA ASP A 362 28.09 3.93 18.50
C ASP A 362 28.46 3.91 17.02
N VAL A 363 28.45 5.09 16.38
CA VAL A 363 28.76 5.20 14.95
C VAL A 363 30.10 4.55 14.64
N ASN A 364 31.09 4.76 15.50
CA ASN A 364 32.43 4.25 15.22
C ASN A 364 32.41 2.74 15.07
N HIS A 365 31.81 2.04 16.03
CA HIS A 365 31.66 0.59 15.92
C HIS A 365 30.99 0.19 14.61
N THR A 366 29.97 0.93 14.18
CA THR A 366 29.25 0.56 12.96
C THR A 366 30.12 0.77 11.73
N ILE A 367 30.84 1.90 11.64
CA ILE A 367 31.79 2.11 10.55
C ILE A 367 32.82 0.98 10.49
N ALA A 368 33.30 0.53 11.66
CA ALA A 368 34.24 -0.59 11.67
C ALA A 368 33.60 -1.86 11.14
N CYS A 369 32.32 -2.10 11.47
CA CYS A 369 31.59 -3.23 10.90
C CYS A 369 31.47 -3.10 9.38
N PHE A 370 31.27 -1.86 8.90
CA PHE A 370 31.29 -1.61 7.45
C PHE A 370 32.63 -1.98 6.83
N ARG A 371 33.73 -1.55 7.46
CA ARG A 371 35.06 -1.82 6.89
C ARG A 371 35.35 -3.32 6.84
N ARG A 372 34.96 -4.05 7.87
CA ARG A 372 35.23 -5.48 8.00
C ARG A 372 34.37 -6.33 7.08
N ALA A 373 33.20 -5.84 6.69
CA ALA A 373 32.20 -6.67 6.03
C ALA A 373 32.74 -7.29 4.74
N ASP A 374 32.42 -8.57 4.54
CA ASP A 374 32.62 -9.26 3.27
C ASP A 374 31.37 -9.28 2.41
N LEU A 375 30.21 -8.94 2.98
CA LEU A 375 28.95 -8.76 2.26
C LEU A 375 28.10 -7.80 3.08
N LEU A 376 27.58 -6.75 2.45
CA LEU A 376 26.73 -5.76 3.11
C LEU A 376 25.28 -5.94 2.67
N ILE A 377 24.35 -5.98 3.63
CA ILE A 377 22.93 -6.15 3.33
C ILE A 377 22.18 -4.92 3.80
N PHE A 378 21.64 -4.15 2.86
CA PHE A 378 20.77 -3.03 3.19
C PHE A 378 19.42 -3.30 2.50
N ASN A 379 18.63 -4.18 3.09
CA ASN A 379 17.44 -4.69 2.43
C ASN A 379 16.13 -4.13 2.98
N SER A 380 16.06 -2.80 3.18
CA SER A 380 14.92 -2.22 3.90
C SER A 380 13.61 -2.53 3.19
N THR A 381 12.52 -2.69 3.96
CA THR A 381 11.21 -2.84 3.34
C THR A 381 10.88 -1.59 2.54
N VAL A 382 11.30 -0.43 3.07
CA VAL A 382 11.25 0.85 2.37
C VAL A 382 12.23 1.73 3.11
N ASP A 383 12.76 2.73 2.44
CA ASP A 383 13.63 3.70 3.10
C ASP A 383 13.58 5.00 2.32
N GLY A 384 13.43 6.12 3.04
CA GLY A 384 13.49 7.42 2.37
C GLY A 384 14.70 7.54 1.46
N GLN A 385 15.88 7.24 1.99
CA GLN A 385 17.06 7.12 1.15
C GLN A 385 17.87 5.90 1.55
N ASN A 386 18.48 5.99 2.74
CA ASN A 386 19.40 5.06 3.38
C ASN A 386 20.81 5.53 3.05
N LEU A 387 21.44 6.21 4.01
CA LEU A 387 22.79 6.73 3.81
C LEU A 387 23.85 5.67 4.04
N SER A 388 23.56 4.66 4.87
CA SER A 388 24.52 3.60 5.14
C SER A 388 24.97 2.89 3.87
N THR A 389 24.08 2.73 2.90
CA THR A 389 24.45 2.03 1.67
C THR A 389 25.36 2.86 0.77
N PHE A 390 25.52 4.15 1.05
CA PHE A 390 26.58 4.94 0.46
C PHE A 390 27.85 4.86 1.30
N GLU A 391 27.71 5.08 2.61
CA GLU A 391 28.86 5.06 3.51
C GLU A 391 29.60 3.73 3.43
N ALA A 392 28.87 2.63 3.52
CA ALA A 392 29.51 1.33 3.65
C ALA A 392 30.43 0.98 2.49
N PRO A 393 30.00 1.04 1.22
CA PRO A 393 30.97 0.77 0.14
C PRO A 393 32.12 1.75 0.12
N LEU A 394 31.89 3.00 0.53
CA LEU A 394 32.96 3.99 0.51
C LEU A 394 34.05 3.66 1.52
N VAL A 395 33.71 3.09 2.67
CA VAL A 395 34.74 2.79 3.67
C VAL A 395 35.18 1.34 3.65
N ASN A 396 34.43 0.47 2.99
CA ASN A 396 34.80 -0.94 2.98
C ASN A 396 36.06 -1.11 2.17
N GLU A 397 37.03 -1.86 2.70
CA GLU A 397 38.23 -2.19 1.94
C GLU A 397 38.36 -3.68 1.70
N ARG A 398 37.26 -4.42 1.73
CA ARG A 398 37.26 -5.83 1.43
C ARG A 398 36.54 -6.15 0.12
N ASP A 399 36.17 -5.13 -0.65
CA ASP A 399 35.47 -5.30 -1.92
C ASP A 399 34.14 -6.01 -1.74
N ALA A 400 33.50 -5.77 -0.60
CA ALA A 400 32.24 -6.40 -0.27
C ALA A 400 31.18 -6.01 -1.28
N ASP A 401 30.45 -7.01 -1.77
CA ASP A 401 29.24 -6.72 -2.52
C ASP A 401 28.20 -6.09 -1.59
N VAL A 402 27.21 -5.44 -2.20
CA VAL A 402 26.12 -4.78 -1.47
C VAL A 402 24.81 -5.32 -2.01
N ILE A 403 23.98 -5.89 -1.14
CA ILE A 403 22.62 -6.25 -1.49
C ILE A 403 21.74 -5.08 -1.05
N LEU A 404 21.02 -4.49 -2.00
CA LEU A 404 20.29 -3.26 -1.79
C LEU A 404 18.83 -3.48 -2.16
N SER A 405 17.93 -3.23 -1.22
CA SER A 405 16.50 -3.29 -1.53
C SER A 405 16.14 -2.27 -2.61
N GLU A 406 15.39 -2.74 -3.61
CA GLU A 406 14.83 -1.88 -4.65
C GLU A 406 13.92 -0.79 -4.11
N THR A 407 13.46 -0.88 -2.85
CA THR A 407 12.57 0.12 -2.28
C THR A 407 13.26 1.19 -1.46
N CYS A 408 14.58 1.17 -1.35
CA CYS A 408 15.30 2.29 -0.76
C CYS A 408 15.39 3.42 -1.78
N GLY A 409 15.22 4.66 -1.33
CA GLY A 409 15.49 5.79 -2.24
C GLY A 409 16.88 5.73 -2.85
N ALA A 410 17.84 5.14 -2.12
CA ALA A 410 19.21 5.02 -2.60
C ALA A 410 19.30 4.16 -3.85
N ALA A 411 18.33 3.25 -4.05
CA ALA A 411 18.38 2.38 -5.22
C ALA A 411 18.27 3.16 -6.52
N GLU A 412 17.64 4.34 -6.51
CA GLU A 412 17.59 5.15 -7.72
C GLU A 412 18.99 5.61 -8.15
N VAL A 413 19.93 5.71 -7.22
CA VAL A 413 21.28 6.17 -7.53
C VAL A 413 22.27 5.02 -7.60
N LEU A 414 22.16 4.07 -6.68
CA LEU A 414 23.12 2.98 -6.54
C LEU A 414 22.63 1.62 -7.05
N GLY A 415 21.35 1.49 -7.42
CA GLY A 415 20.77 0.16 -7.63
C GLY A 415 21.45 -0.63 -8.75
N GLU A 416 21.85 0.05 -9.83
CA GLU A 416 22.58 -0.61 -10.91
C GLU A 416 23.94 -1.11 -10.47
N TYR A 417 24.50 -0.60 -9.38
CA TYR A 417 25.85 -0.94 -8.93
C TYR A 417 25.84 -1.91 -7.75
N CYS A 418 24.66 -2.39 -7.34
CA CYS A 418 24.51 -3.31 -6.24
C CYS A 418 23.68 -4.50 -6.73
N ARG A 419 23.50 -5.49 -5.85
CA ARG A 419 22.54 -6.56 -6.13
C ARG A 419 21.17 -6.10 -5.65
N SER A 420 20.33 -5.65 -6.57
CA SER A 420 19.02 -5.11 -6.23
C SER A 420 18.03 -6.25 -6.02
N VAL A 421 17.27 -6.19 -4.91
CA VAL A 421 16.37 -7.27 -4.52
C VAL A 421 15.02 -6.72 -4.08
N ASN A 422 14.01 -7.54 -4.28
CA ASN A 422 12.70 -7.37 -3.63
C ASN A 422 12.87 -7.73 -2.15
N PRO A 423 12.68 -6.79 -1.22
CA PRO A 423 12.94 -7.09 0.20
C PRO A 423 11.97 -8.07 0.84
N PHE A 424 10.89 -8.46 0.15
CA PHE A 424 9.91 -9.38 0.69
C PHE A 424 10.11 -10.81 0.22
N ASP A 425 11.07 -11.06 -0.69
CA ASP A 425 11.24 -12.35 -1.33
C ASP A 425 12.48 -13.00 -0.72
N LEU A 426 12.26 -13.99 0.15
CA LEU A 426 13.40 -14.63 0.82
C LEU A 426 14.25 -15.41 -0.18
N VAL A 427 13.62 -16.08 -1.14
CA VAL A 427 14.36 -16.87 -2.12
C VAL A 427 15.29 -15.99 -2.94
N GLU A 428 14.78 -14.85 -3.44
CA GLU A 428 15.64 -13.97 -4.23
C GLU A 428 16.79 -13.43 -3.38
N GLN A 429 16.49 -13.05 -2.14
CA GLN A 429 17.53 -12.54 -1.27
C GLN A 429 18.53 -13.63 -0.91
N ALA A 430 18.05 -14.86 -0.68
CA ALA A 430 18.96 -15.97 -0.43
C ALA A 430 19.86 -16.21 -1.63
N GLU A 431 19.29 -16.19 -2.85
CA GLU A 431 20.10 -16.38 -4.05
C GLU A 431 21.12 -15.26 -4.22
N ALA A 432 20.77 -14.02 -3.83
CA ALA A 432 21.72 -12.92 -3.95
C ALA A 432 22.86 -13.05 -2.94
N ILE A 433 22.56 -13.51 -1.72
CA ILE A 433 23.62 -13.75 -0.73
C ILE A 433 24.59 -14.82 -1.27
N SER A 434 24.05 -15.90 -1.82
CA SER A 434 24.88 -16.99 -2.35
C SER A 434 25.76 -16.51 -3.49
N ALA A 435 25.18 -15.79 -4.46
CA ALA A 435 25.97 -15.31 -5.59
C ALA A 435 27.00 -14.27 -5.14
N ALA A 436 26.61 -13.39 -4.21
CA ALA A 436 27.54 -12.39 -3.72
C ALA A 436 28.74 -13.03 -3.05
N LEU A 437 28.53 -14.11 -2.31
CA LEU A 437 29.61 -14.78 -1.61
C LEU A 437 30.36 -15.78 -2.48
N ALA A 438 29.79 -16.18 -3.61
CA ALA A 438 30.52 -17.02 -4.55
C ALA A 438 31.38 -16.22 -5.51
N ALA A 439 31.12 -14.92 -5.66
CA ALA A 439 31.85 -14.11 -6.63
C ALA A 439 33.34 -14.07 -6.28
N GLY A 440 34.17 -13.96 -7.31
CA GLY A 440 35.61 -14.02 -7.14
C GLY A 440 36.19 -12.70 -6.67
N PRO A 441 37.51 -12.74 -6.36
CA PRO A 441 38.17 -11.55 -5.83
C PRO A 441 38.23 -10.38 -6.81
N ARG A 442 38.63 -10.63 -8.06
CA ARG A 442 38.73 -9.53 -9.01
C ARG A 442 37.37 -9.05 -9.50
N GLN A 443 36.37 -9.92 -9.57
CA GLN A 443 35.03 -9.47 -9.95
C GLN A 443 34.46 -8.52 -8.91
N ARG A 444 34.60 -8.86 -7.63
CA ARG A 444 34.13 -7.97 -6.58
C ARG A 444 34.97 -6.70 -6.51
N ALA A 445 36.27 -6.77 -6.82
CA ALA A 445 37.09 -5.57 -6.83
C ALA A 445 36.55 -4.56 -7.84
N GLU A 446 36.20 -5.02 -9.03
CA GLU A 446 35.82 -4.10 -10.10
C GLU A 446 34.42 -3.55 -9.88
N ALA A 447 33.51 -4.40 -9.36
CA ALA A 447 32.17 -3.92 -9.04
C ALA A 447 32.21 -2.89 -7.93
N ALA A 448 33.02 -3.14 -6.90
CA ALA A 448 33.14 -2.22 -5.79
C ALA A 448 33.78 -0.92 -6.21
N ALA A 449 34.72 -0.98 -7.17
CA ALA A 449 35.31 0.24 -7.74
C ALA A 449 34.25 1.12 -8.41
N ARG A 450 33.43 0.53 -9.28
CA ARG A 450 32.38 1.32 -9.93
C ARG A 450 31.32 1.77 -8.93
N ARG A 451 31.05 0.95 -7.92
CA ARG A 451 30.10 1.33 -6.88
C ARG A 451 30.57 2.57 -6.14
N ARG A 452 31.83 2.58 -5.69
CA ARG A 452 32.34 3.73 -4.96
C ARG A 452 32.35 4.98 -5.82
N ASP A 453 32.61 4.83 -7.13
CA ASP A 453 32.53 5.97 -8.03
C ASP A 453 31.10 6.49 -8.13
N ALA A 454 30.12 5.58 -8.14
CA ALA A 454 28.72 6.02 -8.20
C ALA A 454 28.28 6.69 -6.90
N ALA A 455 28.86 6.28 -5.76
CA ALA A 455 28.46 6.83 -4.46
C ALA A 455 29.16 8.14 -4.15
N ARG A 456 30.45 8.27 -4.51
CA ARG A 456 31.26 9.40 -4.07
C ARG A 456 30.67 10.80 -4.33
N PRO A 457 30.06 11.11 -5.47
CA PRO A 457 29.61 12.50 -5.70
C PRO A 457 28.49 12.98 -4.79
N TRP A 458 27.81 12.08 -4.09
CA TRP A 458 26.54 12.42 -3.42
C TRP A 458 26.81 12.82 -1.97
N THR A 459 27.44 13.98 -1.83
CA THR A 459 27.87 14.46 -0.53
C THR A 459 26.81 15.36 0.09
N LEU A 460 26.93 15.53 1.40
CA LEU A 460 26.05 16.42 2.14
C LEU A 460 26.11 17.84 1.57
N GLU A 461 27.31 18.31 1.26
CA GLU A 461 27.44 19.68 0.76
C GLU A 461 26.81 19.82 -0.63
N ALA A 462 26.97 18.81 -1.48
CA ALA A 462 26.29 18.85 -2.78
C ALA A 462 24.78 18.92 -2.61
N TRP A 463 24.26 18.21 -1.60
CA TRP A 463 22.82 18.14 -1.36
C TRP A 463 22.28 19.48 -0.86
N VAL A 464 23.04 20.14 0.02
CA VAL A 464 22.71 21.49 0.43
C VAL A 464 22.77 22.44 -0.76
N GLN A 465 23.84 22.34 -1.56
CA GLN A 465 23.95 23.19 -2.74
C GLN A 465 22.77 22.96 -3.69
N ALA A 466 22.39 21.69 -3.88
CA ALA A 466 21.22 21.39 -4.69
C ALA A 466 19.97 22.08 -4.16
N GLN A 467 19.76 22.08 -2.83
CA GLN A 467 18.59 22.72 -2.25
C GLN A 467 18.59 24.22 -2.53
N LEU A 468 19.72 24.89 -2.31
CA LEU A 468 19.77 26.34 -2.50
C LEU A 468 19.56 26.70 -3.97
N ASP A 469 20.29 26.02 -4.85
CA ASP A 469 20.15 26.26 -6.29
C ASP A 469 18.73 25.96 -6.76
N GLY A 470 18.17 24.83 -6.35
CA GLY A 470 16.82 24.50 -6.76
C GLY A 470 15.80 25.49 -6.23
N LEU A 471 16.00 25.94 -4.99
CA LEU A 471 15.09 26.94 -4.43
C LEU A 471 15.20 28.27 -5.19
N ALA A 472 16.43 28.73 -5.47
CA ALA A 472 16.56 29.99 -6.19
C ALA A 472 15.86 29.92 -7.55
N ALA A 473 16.04 28.82 -8.28
CA ALA A 473 15.40 28.71 -9.58
C ALA A 473 13.88 28.65 -9.45
N ASP A 474 13.39 27.91 -8.45
CA ASP A 474 11.95 27.81 -8.25
C ASP A 474 11.36 29.13 -7.76
N HIS A 475 12.12 29.86 -6.95
CA HIS A 475 11.68 31.18 -6.53
C HIS A 475 11.56 32.12 -7.72
N ALA A 476 12.60 32.16 -8.58
CA ALA A 476 12.54 32.96 -9.80
C ALA A 476 11.32 32.61 -10.64
N ALA A 477 11.04 31.31 -10.80
CA ALA A 477 9.88 30.88 -11.58
C ALA A 477 8.58 31.34 -10.94
N ARG A 478 8.45 31.11 -9.64
CA ARG A 478 7.25 31.52 -8.92
C ARG A 478 7.07 33.03 -8.99
N THR A 479 8.17 33.79 -8.95
CA THR A 479 8.09 35.25 -8.95
C THR A 479 7.56 35.76 -10.29
N ALA A 480 8.10 35.25 -11.40
CA ALA A 480 7.65 35.70 -12.71
C ALA A 480 6.21 35.27 -13.01
N THR A 481 5.71 34.23 -12.34
CA THR A 481 4.39 33.71 -12.62
C THR A 481 3.40 33.96 -11.48
N GLY B 3 -23.85 -12.79 -36.32
CA GLY B 3 -23.69 -12.82 -34.88
C GLY B 3 -22.35 -13.39 -34.44
N SER B 4 -21.79 -12.86 -33.35
CA SER B 4 -20.49 -13.30 -32.90
C SER B 4 -20.54 -14.76 -32.43
N GLU B 5 -19.41 -15.43 -32.56
CA GLU B 5 -19.20 -16.75 -31.95
C GLU B 5 -18.45 -16.51 -30.66
N ILE B 6 -19.15 -16.61 -29.53
CA ILE B 6 -18.57 -16.24 -28.25
C ILE B 6 -17.95 -17.45 -27.58
N PHE B 7 -16.78 -17.26 -27.00
CA PHE B 7 -16.13 -18.29 -26.18
C PHE B 7 -15.83 -17.67 -24.82
N LEU B 8 -16.68 -17.96 -23.84
CA LEU B 8 -16.52 -17.46 -22.48
C LEU B 8 -15.71 -18.43 -21.62
N ALA B 9 -14.67 -17.91 -20.97
CA ALA B 9 -13.87 -18.68 -20.02
C ALA B 9 -13.98 -18.07 -18.64
N SER B 10 -14.30 -18.90 -17.63
CA SER B 10 -14.40 -18.45 -16.25
C SER B 10 -14.05 -19.60 -15.32
N LYS B 11 -13.88 -19.30 -14.03
CA LYS B 11 -13.47 -20.35 -13.09
C LYS B 11 -14.53 -21.43 -12.94
N ARG B 12 -15.82 -21.09 -13.09
CA ARG B 12 -16.89 -22.03 -12.80
C ARG B 12 -18.09 -21.72 -13.68
N ALA B 13 -18.71 -22.77 -14.23
CA ALA B 13 -20.02 -22.69 -14.86
C ALA B 13 -21.02 -23.32 -13.90
N ALA B 14 -21.80 -22.49 -13.20
CA ALA B 14 -22.64 -22.97 -12.12
C ALA B 14 -23.72 -23.91 -12.63
N ILE B 15 -23.61 -25.19 -12.28
CA ILE B 15 -24.52 -26.23 -12.76
C ILE B 15 -25.16 -26.90 -11.56
N THR B 16 -26.47 -27.18 -11.66
CA THR B 16 -27.22 -27.92 -10.65
C THR B 16 -27.36 -29.37 -11.10
N TYR B 17 -26.81 -30.30 -10.32
CA TYR B 17 -26.94 -31.72 -10.56
C TYR B 17 -27.96 -32.28 -9.57
N ASP B 18 -29.03 -32.88 -10.08
CA ASP B 18 -30.02 -33.55 -9.23
C ASP B 18 -30.64 -34.71 -10.00
N THR B 19 -31.72 -35.26 -9.46
CA THR B 19 -32.51 -36.26 -10.17
C THR B 19 -33.93 -35.74 -10.34
N ASP B 20 -34.52 -36.02 -11.50
CA ASP B 20 -35.89 -35.62 -11.76
C ASP B 20 -36.82 -36.14 -10.67
N PRO B 21 -37.66 -35.30 -10.06
CA PRO B 21 -38.47 -35.77 -8.92
C PRO B 21 -39.53 -36.79 -9.31
N ALA B 22 -39.90 -36.87 -10.58
CA ALA B 22 -40.88 -37.88 -11.01
C ALA B 22 -40.21 -39.16 -11.52
N THR B 23 -39.26 -39.06 -12.45
CA THR B 23 -38.61 -40.23 -13.02
C THR B 23 -37.39 -40.71 -12.25
N GLY B 24 -36.70 -39.81 -11.54
CA GLY B 24 -35.47 -40.17 -10.87
C GLY B 24 -34.24 -40.15 -11.77
N GLU B 25 -34.40 -39.85 -13.05
CA GLU B 25 -33.26 -39.74 -13.95
C GLU B 25 -32.34 -38.59 -13.53
N PRO B 26 -31.04 -38.72 -13.75
CA PRO B 26 -30.13 -37.62 -13.39
C PRO B 26 -30.33 -36.42 -14.29
N ARG B 27 -30.22 -35.23 -13.70
CA ARG B 27 -30.41 -33.99 -14.43
C ARG B 27 -29.20 -33.08 -14.17
N ALA B 28 -28.75 -32.38 -15.20
CA ALA B 28 -27.77 -31.31 -15.03
C ALA B 28 -28.30 -30.07 -15.74
N TRP B 29 -28.36 -28.94 -15.04
CA TRP B 29 -28.93 -27.74 -15.64
C TRP B 29 -28.24 -26.49 -15.12
N LEU B 30 -28.03 -25.54 -16.02
CA LEU B 30 -27.30 -24.32 -15.69
C LEU B 30 -28.07 -23.47 -14.69
N ALA B 31 -27.35 -22.92 -13.73
CA ALA B 31 -27.97 -22.01 -12.78
C ALA B 31 -28.40 -20.74 -13.51
N PRO B 32 -29.61 -20.25 -13.29
CA PRO B 32 -30.01 -18.98 -13.92
C PRO B 32 -29.15 -17.83 -13.41
N GLY B 33 -28.98 -16.82 -14.26
CA GLY B 33 -28.16 -15.67 -13.91
C GLY B 33 -26.67 -15.83 -14.11
N GLY B 34 -26.19 -17.01 -14.48
CA GLY B 34 -24.80 -17.14 -14.86
C GLY B 34 -24.44 -16.21 -16.00
N THR B 35 -23.15 -15.89 -16.11
CA THR B 35 -22.69 -14.95 -17.13
C THR B 35 -22.98 -15.49 -18.54
N GLY B 36 -22.68 -16.76 -18.77
CA GLY B 36 -23.00 -17.36 -20.06
C GLY B 36 -24.46 -17.21 -20.44
N ASN B 37 -25.36 -17.49 -19.48
CA ASN B 37 -26.80 -17.32 -19.71
C ASN B 37 -27.11 -15.93 -20.23
N VAL B 38 -26.48 -14.91 -19.64
CA VAL B 38 -26.73 -13.53 -20.05
C VAL B 38 -26.12 -13.25 -21.42
N VAL B 39 -24.86 -13.65 -21.62
CA VAL B 39 -24.22 -13.40 -22.90
C VAL B 39 -25.05 -14.01 -24.03
N ALA B 40 -25.60 -15.21 -23.80
CA ALA B 40 -26.34 -15.93 -24.83
C ALA B 40 -27.60 -15.22 -25.31
N GLU B 41 -28.15 -14.28 -24.52
CA GLU B 41 -29.37 -13.60 -24.93
C GLU B 41 -29.12 -12.29 -25.66
N GLN B 42 -27.88 -11.83 -25.72
CA GLN B 42 -27.63 -10.54 -26.36
C GLN B 42 -27.89 -10.62 -27.86
N ALA B 43 -28.18 -9.44 -28.43
CA ALA B 43 -28.62 -9.35 -29.82
C ALA B 43 -27.61 -9.98 -30.77
N GLY B 44 -26.37 -9.51 -30.75
CA GLY B 44 -25.41 -9.96 -31.74
C GLY B 44 -24.61 -11.20 -31.36
N VAL B 45 -25.29 -12.22 -30.84
CA VAL B 45 -24.64 -13.43 -30.33
C VAL B 45 -25.22 -14.63 -31.10
N LEU B 46 -24.46 -15.16 -32.07
CA LEU B 46 -24.90 -16.34 -32.81
C LEU B 46 -24.85 -17.59 -31.94
N ASN B 47 -23.74 -17.81 -31.26
CA ASN B 47 -23.61 -18.94 -30.36
C ASN B 47 -22.54 -18.63 -29.33
N ILE B 48 -22.60 -19.36 -28.22
CA ILE B 48 -21.65 -19.16 -27.13
C ILE B 48 -21.25 -20.52 -26.60
N SER B 49 -19.97 -20.67 -26.32
CA SER B 49 -19.43 -21.80 -25.58
C SER B 49 -18.85 -21.28 -24.27
N TRP B 50 -19.01 -22.06 -23.21
CA TRP B 50 -18.56 -21.68 -21.87
C TRP B 50 -17.54 -22.70 -21.37
N ILE B 51 -16.28 -22.29 -21.28
CA ILE B 51 -15.19 -23.14 -20.79
C ILE B 51 -14.93 -22.78 -19.34
N ALA B 52 -14.98 -23.78 -18.47
CA ALA B 52 -14.76 -23.56 -17.04
C ALA B 52 -14.14 -24.82 -16.43
N SER B 53 -13.75 -24.69 -15.17
CA SER B 53 -13.09 -25.78 -14.47
C SER B 53 -14.11 -26.75 -13.91
N ALA B 54 -13.76 -28.03 -13.91
CA ALA B 54 -14.49 -28.99 -13.09
C ALA B 54 -14.06 -28.81 -11.65
N ASP B 55 -15.03 -28.63 -10.74
CA ASP B 55 -14.69 -28.45 -9.32
C ASP B 55 -15.63 -29.24 -8.42
N SER B 56 -16.00 -30.45 -8.85
CA SER B 56 -16.79 -31.36 -8.02
C SER B 56 -16.80 -32.71 -8.72
N GLU B 57 -17.15 -33.75 -7.97
CA GLU B 57 -17.19 -35.07 -8.60
C GLU B 57 -18.26 -35.11 -9.68
N ASP B 58 -19.37 -34.39 -9.47
CA ASP B 58 -20.38 -34.28 -10.52
C ASP B 58 -19.80 -33.61 -11.76
N ASP B 59 -19.10 -32.48 -11.59
CA ASP B 59 -18.43 -31.83 -12.71
C ASP B 59 -17.49 -32.81 -13.42
N ARG B 60 -16.72 -33.57 -12.63
CA ARG B 60 -15.67 -34.40 -13.20
C ARG B 60 -16.25 -35.53 -14.04
N ARG B 61 -17.26 -36.22 -13.50
CA ARG B 61 -17.99 -37.22 -14.30
C ARG B 61 -18.61 -36.57 -15.54
N ALA B 62 -19.22 -35.41 -15.38
CA ALA B 62 -19.80 -34.72 -16.53
C ALA B 62 -18.76 -34.45 -17.61
N SER B 63 -17.55 -34.06 -17.19
CA SER B 63 -16.48 -33.79 -18.15
C SER B 63 -15.98 -35.07 -18.81
N ALA B 64 -15.84 -36.14 -18.03
CA ALA B 64 -15.35 -37.40 -18.56
C ALA B 64 -16.37 -38.06 -19.48
N LEU B 65 -17.64 -37.73 -19.32
CA LEU B 65 -18.65 -38.32 -20.20
C LEU B 65 -18.87 -37.51 -21.45
N ASN B 66 -18.61 -36.21 -21.42
CA ASN B 66 -18.69 -35.34 -22.61
C ASN B 66 -17.45 -34.46 -22.67
N PRO B 67 -16.32 -35.01 -23.11
CA PRO B 67 -15.08 -34.23 -23.06
C PRO B 67 -15.11 -32.99 -23.93
N ASP B 68 -15.85 -33.00 -25.03
CA ASP B 68 -15.94 -31.86 -25.92
C ASP B 68 -17.09 -30.92 -25.57
N GLY B 69 -17.71 -31.11 -24.42
CA GLY B 69 -18.73 -30.19 -23.93
C GLY B 69 -20.14 -30.72 -24.11
N VAL B 70 -21.04 -30.25 -23.24
CA VAL B 70 -22.46 -30.60 -23.28
C VAL B 70 -23.24 -29.39 -23.78
N THR B 71 -24.13 -29.61 -24.74
CA THR B 71 -25.09 -28.57 -25.09
C THR B 71 -26.15 -28.49 -24.00
N MET B 72 -26.22 -27.35 -23.33
CA MET B 72 -27.14 -27.15 -22.21
C MET B 72 -28.18 -26.11 -22.59
N GLU B 73 -29.45 -26.46 -22.38
CA GLU B 73 -30.55 -25.65 -22.88
C GLU B 73 -30.87 -24.49 -21.93
N LEU B 74 -31.21 -23.35 -22.52
CA LEU B 74 -31.64 -22.16 -21.79
C LEU B 74 -33.09 -21.86 -22.18
N HIS B 75 -33.66 -20.84 -21.54
CA HIS B 75 -35.02 -20.45 -21.88
C HIS B 75 -35.06 -19.85 -23.30
N SER B 76 -36.29 -19.78 -23.82
CA SER B 76 -36.55 -19.31 -25.19
C SER B 76 -35.77 -20.14 -26.22
N GLY B 77 -35.55 -21.41 -25.93
CA GLY B 77 -34.86 -22.28 -26.87
C GLY B 77 -33.49 -21.80 -27.28
N ARG B 78 -32.74 -21.19 -26.36
CA ARG B 78 -31.34 -20.90 -26.58
C ARG B 78 -30.51 -21.99 -25.91
N GLU B 79 -29.26 -22.12 -26.35
CA GLU B 79 -28.38 -23.14 -25.81
C GLU B 79 -26.95 -22.60 -25.70
N ILE B 80 -26.22 -23.19 -24.77
CA ILE B 80 -24.82 -22.89 -24.53
C ILE B 80 -24.05 -24.21 -24.45
N LEU B 81 -22.92 -24.27 -25.13
CA LEU B 81 -22.02 -25.42 -25.03
C LEU B 81 -21.12 -25.22 -23.82
N VAL B 82 -21.29 -26.08 -22.81
CA VAL B 82 -20.52 -25.98 -21.57
C VAL B 82 -19.43 -27.04 -21.61
N ARG B 83 -18.19 -26.60 -21.45
CA ARG B 83 -17.02 -27.48 -21.51
C ARG B 83 -16.25 -27.35 -20.20
N LEU B 84 -16.17 -28.43 -19.45
CA LEU B 84 -15.53 -28.41 -18.14
C LEU B 84 -14.15 -29.04 -18.24
N ILE B 85 -13.15 -28.37 -17.65
CA ILE B 85 -11.78 -28.83 -17.67
C ILE B 85 -11.52 -29.67 -16.43
N ARG B 86 -11.02 -30.88 -16.64
CA ARG B 86 -10.49 -31.70 -15.55
C ARG B 86 -9.01 -31.37 -15.40
N HIS B 87 -8.69 -30.47 -14.48
CA HIS B 87 -7.29 -30.20 -14.18
C HIS B 87 -6.71 -31.32 -13.35
N ASP B 88 -5.38 -31.41 -13.38
CA ASP B 88 -4.70 -32.27 -12.42
C ASP B 88 -5.12 -31.89 -11.01
N PRO B 89 -5.54 -32.86 -10.18
CA PRO B 89 -6.03 -32.53 -8.83
C PRO B 89 -5.03 -31.79 -7.96
N ALA B 90 -3.74 -32.13 -8.05
CA ALA B 90 -2.74 -31.44 -7.23
C ALA B 90 -2.51 -30.02 -7.73
N VAL B 91 -2.33 -29.85 -9.03
CA VAL B 91 -2.17 -28.52 -9.60
C VAL B 91 -3.36 -27.64 -9.22
N PHE B 92 -4.57 -28.18 -9.36
CA PHE B 92 -5.78 -27.42 -9.12
C PHE B 92 -5.87 -26.97 -7.67
N ARG B 93 -5.65 -27.91 -6.75
CA ARG B 93 -5.73 -27.58 -5.32
C ARG B 93 -4.70 -26.52 -4.94
N ASN B 94 -3.51 -26.57 -5.53
CA ASN B 94 -2.49 -25.58 -5.22
C ASN B 94 -2.84 -24.21 -5.82
N VAL B 95 -3.40 -24.20 -7.04
CA VAL B 95 -3.81 -22.94 -7.66
C VAL B 95 -5.00 -22.33 -6.93
N GLN B 96 -5.95 -23.16 -6.49
CA GLN B 96 -6.99 -22.69 -5.59
C GLN B 96 -6.38 -21.99 -4.37
N ASN B 97 -5.29 -22.56 -3.83
CA ASN B 97 -4.64 -21.97 -2.66
C ASN B 97 -3.82 -20.73 -3.04
N PHE B 98 -3.17 -20.77 -4.19
CA PHE B 98 -2.47 -19.61 -4.74
C PHE B 98 -3.38 -18.39 -4.80
N MET B 99 -4.66 -18.59 -5.14
CA MET B 99 -5.64 -17.51 -5.26
C MET B 99 -6.28 -17.05 -3.96
N THR B 100 -6.07 -17.75 -2.83
CA THR B 100 -6.65 -17.32 -1.56
C THR B 100 -5.74 -16.33 -0.84
N ALA B 101 -6.21 -15.86 0.33
CA ALA B 101 -5.44 -14.88 1.10
C ALA B 101 -4.05 -15.40 1.47
N ASN B 102 -3.80 -16.70 1.30
CA ASN B 102 -2.45 -17.21 1.46
C ASN B 102 -1.49 -16.55 0.48
N LEU B 103 -1.99 -16.06 -0.67
CA LEU B 103 -1.13 -15.25 -1.54
C LEU B 103 -1.87 -14.20 -2.39
N MET B 104 -2.44 -14.57 -3.54
CA MET B 104 -2.86 -13.53 -4.50
C MET B 104 -4.05 -12.71 -4.01
N TRP B 105 -4.90 -13.25 -3.13
CA TRP B 105 -6.00 -12.44 -2.60
C TRP B 105 -5.47 -11.28 -1.79
N ALA B 106 -4.39 -11.50 -1.02
CA ALA B 106 -3.76 -10.42 -0.27
C ALA B 106 -3.03 -9.45 -1.19
N ALA B 107 -2.55 -9.96 -2.33
CA ALA B 107 -1.82 -9.11 -3.28
C ALA B 107 -2.73 -8.07 -3.91
N ASN B 108 -3.93 -8.48 -4.29
CA ASN B 108 -4.86 -7.57 -4.95
C ASN B 108 -5.82 -6.88 -3.99
N ASN B 109 -5.96 -7.38 -2.76
CA ASN B 109 -6.93 -6.83 -1.83
C ASN B 109 -6.29 -6.24 -0.58
N TYR B 110 -5.01 -5.82 -0.68
CA TYR B 110 -4.38 -4.98 0.34
C TYR B 110 -4.44 -5.64 1.72
N GLY B 111 -3.82 -6.80 1.85
CA GLY B 111 -3.83 -7.50 3.12
C GLY B 111 -2.50 -7.58 3.87
N TRP B 112 -1.42 -7.12 3.25
CA TRP B 112 -0.08 -7.23 3.80
C TRP B 112 0.38 -5.92 4.42
N ASP B 113 1.05 -6.01 5.57
CA ASP B 113 1.58 -4.84 6.23
C ASP B 113 3.01 -4.46 5.80
N ARG B 114 3.68 -5.33 5.00
CA ARG B 114 5.07 -5.18 4.53
C ARG B 114 6.11 -5.30 5.65
N TRP B 115 5.88 -4.70 6.80
CA TRP B 115 6.88 -4.83 7.86
C TRP B 115 7.05 -6.28 8.29
N THR B 116 5.96 -7.07 8.31
CA THR B 116 6.03 -8.43 8.86
C THR B 116 5.52 -9.49 7.89
N GLN B 117 4.63 -9.11 6.97
CA GLN B 117 4.23 -10.01 5.91
C GLN B 117 4.29 -9.22 4.62
N PRO B 118 4.47 -9.88 3.45
CA PRO B 118 4.71 -11.31 3.24
C PRO B 118 6.21 -11.63 3.25
N SER B 119 6.57 -12.92 3.29
CA SER B 119 7.94 -13.39 3.11
C SER B 119 7.87 -14.56 2.15
N PHE B 120 8.13 -14.30 0.87
CA PHE B 120 7.93 -15.34 -0.13
C PHE B 120 9.04 -16.38 -0.06
N GLY B 121 8.63 -17.66 0.01
CA GLY B 121 9.52 -18.78 0.01
C GLY B 121 9.40 -19.60 -1.26
N SER B 122 9.86 -20.86 -1.18
CA SER B 122 9.73 -21.73 -2.33
C SER B 122 8.26 -22.00 -2.68
N ASP B 123 7.36 -21.92 -1.70
CA ASP B 123 5.94 -22.18 -1.97
C ASP B 123 5.38 -21.21 -3.01
N ALA B 124 5.83 -19.96 -2.97
CA ALA B 124 5.41 -18.99 -3.99
C ALA B 124 5.91 -19.40 -5.38
N ARG B 125 7.16 -19.87 -5.48
CA ARG B 125 7.68 -20.30 -6.78
C ARG B 125 6.92 -21.53 -7.29
N GLU B 126 6.63 -22.49 -6.42
CA GLU B 126 5.86 -23.65 -6.81
C GLU B 126 4.42 -23.30 -7.15
N GLY B 127 3.82 -22.39 -6.37
CA GLY B 127 2.49 -21.91 -6.71
C GLY B 127 2.45 -21.26 -8.09
N TRP B 128 3.48 -20.49 -8.44
CA TRP B 128 3.50 -19.81 -9.73
C TRP B 128 3.68 -20.80 -10.88
N ALA B 129 4.52 -21.81 -10.68
CA ALA B 129 4.63 -22.87 -11.67
C ALA B 129 3.28 -23.55 -11.89
N ASP B 130 2.60 -23.92 -10.82
CA ASP B 130 1.30 -24.58 -10.93
C ASP B 130 0.28 -23.65 -11.59
N PHE B 131 0.34 -22.35 -11.28
CA PHE B 131 -0.52 -21.40 -11.98
C PHE B 131 -0.26 -21.43 -13.48
N GLY B 132 1.00 -21.59 -13.89
CA GLY B 132 1.30 -21.69 -15.31
C GLY B 132 0.71 -22.93 -15.97
N ARG B 133 0.81 -24.07 -15.28
CA ARG B 133 0.18 -25.30 -15.77
C ARG B 133 -1.33 -25.11 -15.92
N PHE B 134 -1.96 -24.54 -14.91
CA PHE B 134 -3.40 -24.30 -14.92
C PHE B 134 -3.80 -23.37 -16.07
N THR B 135 -3.05 -22.29 -16.24
CA THR B 135 -3.28 -21.37 -17.36
C THR B 135 -3.18 -22.08 -18.71
N ARG B 136 -2.17 -22.93 -18.88
CA ARG B 136 -2.04 -23.71 -20.12
C ARG B 136 -3.25 -24.63 -20.32
N ASP B 137 -3.72 -25.29 -19.25
CA ASP B 137 -4.95 -26.10 -19.33
C ASP B 137 -6.09 -25.31 -19.94
N PHE B 138 -6.35 -24.11 -19.40
CA PHE B 138 -7.48 -23.32 -19.89
C PHE B 138 -7.28 -22.93 -21.33
N ALA B 139 -6.10 -22.41 -21.66
CA ALA B 139 -5.83 -21.94 -23.01
C ALA B 139 -6.00 -23.08 -24.02
N ASP B 140 -5.53 -24.27 -23.69
CA ASP B 140 -5.69 -25.38 -24.63
C ASP B 140 -7.14 -25.77 -24.80
N ALA B 141 -7.90 -25.78 -23.70
CA ALA B 141 -9.31 -26.11 -23.80
C ALA B 141 -10.07 -25.05 -24.56
N ILE B 142 -9.79 -23.77 -24.29
CA ILE B 142 -10.43 -22.68 -25.00
C ILE B 142 -10.13 -22.74 -26.49
N LEU B 143 -8.86 -22.95 -26.83
CA LEU B 143 -8.46 -22.97 -28.23
C LEU B 143 -9.00 -24.20 -28.93
N LYS B 144 -8.98 -25.36 -28.26
CA LYS B 144 -9.56 -26.57 -28.83
C LYS B 144 -11.06 -26.41 -29.04
N SER B 145 -11.74 -25.71 -28.13
CA SER B 145 -13.19 -25.54 -28.29
C SER B 145 -13.53 -24.55 -29.41
N SER B 146 -12.61 -23.65 -29.76
CA SER B 146 -12.82 -22.69 -30.83
C SER B 146 -12.05 -23.02 -32.11
N ALA B 147 -11.56 -24.26 -32.23
CA ALA B 147 -10.70 -24.61 -33.36
C ALA B 147 -11.42 -24.43 -34.70
N GLN B 148 -12.70 -24.81 -34.77
CA GLN B 148 -13.49 -24.67 -35.99
C GLN B 148 -14.11 -23.29 -36.16
N SER B 149 -13.75 -22.31 -35.34
CA SER B 149 -14.33 -20.98 -35.43
C SER B 149 -13.41 -20.06 -36.24
N ALA B 150 -14.00 -19.36 -37.20
CA ALA B 150 -13.19 -18.52 -38.09
C ALA B 150 -12.78 -17.21 -37.43
N ASP B 151 -13.64 -16.63 -36.60
CA ASP B 151 -13.36 -15.38 -35.89
C ASP B 151 -13.91 -15.47 -34.47
N PRO B 152 -13.33 -16.32 -33.63
CA PRO B 152 -13.81 -16.43 -32.24
C PRO B 152 -13.62 -15.13 -31.48
N VAL B 153 -14.58 -14.83 -30.61
CA VAL B 153 -14.52 -13.70 -29.69
C VAL B 153 -14.33 -14.29 -28.29
N TYR B 154 -13.26 -13.89 -27.61
CA TYR B 154 -12.87 -14.49 -26.34
C TYR B 154 -13.18 -13.51 -25.20
N LEU B 155 -13.94 -13.99 -24.23
CA LEU B 155 -14.21 -13.26 -23.00
C LEU B 155 -13.63 -14.08 -21.86
N VAL B 156 -12.67 -13.52 -21.14
CA VAL B 156 -12.00 -14.21 -20.03
C VAL B 156 -12.37 -13.50 -18.73
N HIS B 157 -12.97 -14.25 -17.79
CA HIS B 157 -13.39 -13.75 -16.49
C HIS B 157 -12.72 -14.52 -15.36
N ASP B 158 -12.61 -13.85 -14.20
CA ASP B 158 -12.10 -14.38 -12.93
C ASP B 158 -10.58 -14.29 -12.90
N TYR B 159 -10.06 -13.90 -11.73
CA TYR B 159 -8.63 -13.62 -11.60
C TYR B 159 -7.76 -14.85 -11.83
N GLN B 160 -8.28 -16.05 -11.54
CA GLN B 160 -7.57 -17.29 -11.86
C GLN B 160 -7.14 -17.38 -13.31
N LEU B 161 -7.80 -16.63 -14.20
CA LEU B 161 -7.53 -16.75 -15.63
C LEU B 161 -6.73 -15.58 -16.19
N VAL B 162 -6.08 -14.77 -15.35
CA VAL B 162 -5.39 -13.57 -15.86
C VAL B 162 -4.23 -13.91 -16.80
N GLY B 163 -3.69 -15.12 -16.73
CA GLY B 163 -2.62 -15.48 -17.66
C GLY B 163 -3.08 -16.01 -19.00
N VAL B 164 -4.38 -16.24 -19.18
CA VAL B 164 -4.94 -16.86 -20.37
C VAL B 164 -4.81 -15.96 -21.61
N PRO B 165 -4.97 -14.63 -21.50
CA PRO B 165 -4.93 -13.81 -22.72
C PRO B 165 -3.64 -13.96 -23.54
N ALA B 166 -2.46 -13.95 -22.92
CA ALA B 166 -1.23 -14.09 -23.70
C ALA B 166 -1.21 -15.40 -24.49
N LEU B 167 -1.70 -16.48 -23.88
CA LEU B 167 -1.65 -17.77 -24.55
C LEU B 167 -2.65 -17.86 -25.68
N LEU B 168 -3.82 -17.21 -25.54
CA LEU B 168 -4.74 -17.12 -26.66
C LEU B 168 -4.15 -16.29 -27.78
N ARG B 169 -3.56 -15.13 -27.44
CA ARG B 169 -2.99 -14.26 -28.46
C ARG B 169 -1.85 -14.95 -29.21
N GLU B 170 -1.09 -15.80 -28.52
CA GLU B 170 0.00 -16.56 -29.15
C GLU B 170 -0.51 -17.43 -30.30
N GLN B 171 -1.65 -18.10 -30.10
CA GLN B 171 -2.26 -18.92 -31.13
C GLN B 171 -3.13 -18.10 -32.07
N ARG B 172 -3.85 -17.09 -31.56
CA ARG B 172 -4.87 -16.37 -32.31
C ARG B 172 -4.54 -14.89 -32.37
N PRO B 173 -3.56 -14.50 -33.19
CA PRO B 173 -3.10 -13.09 -33.17
C PRO B 173 -4.15 -12.05 -33.52
N ASP B 174 -5.19 -12.38 -34.27
CA ASP B 174 -6.18 -11.37 -34.66
C ASP B 174 -7.50 -11.51 -33.92
N ALA B 175 -7.51 -12.19 -32.75
CA ALA B 175 -8.85 -12.31 -32.19
C ALA B 175 -9.13 -11.18 -31.21
N PRO B 176 -10.40 -10.80 -31.08
CA PRO B 176 -10.81 -10.00 -29.93
C PRO B 176 -10.67 -10.82 -28.65
N ILE B 177 -9.95 -10.27 -27.67
CA ILE B 177 -9.84 -10.89 -26.35
C ILE B 177 -10.15 -9.85 -25.30
N LEU B 178 -11.15 -10.11 -24.47
CA LEU B 178 -11.44 -9.29 -23.32
C LEU B 178 -11.04 -10.05 -22.07
N LEU B 179 -10.29 -9.42 -21.19
CA LEU B 179 -10.14 -9.89 -19.81
C LEU B 179 -10.88 -8.95 -18.90
N PHE B 180 -11.71 -9.49 -18.01
CA PHE B 180 -12.31 -8.66 -16.98
C PHE B 180 -11.80 -9.09 -15.62
N VAL B 181 -11.28 -8.12 -14.88
CA VAL B 181 -10.75 -8.35 -13.55
C VAL B 181 -11.80 -7.81 -12.59
N ALA B 182 -12.27 -8.69 -11.69
CA ALA B 182 -13.38 -8.38 -10.81
C ALA B 182 -12.93 -7.97 -9.41
N ILE B 183 -11.63 -7.78 -9.22
CA ILE B 183 -11.12 -7.45 -7.89
C ILE B 183 -10.31 -6.17 -8.05
N PRO B 184 -9.84 -5.55 -6.98
CA PRO B 184 -9.08 -4.33 -7.13
C PRO B 184 -7.76 -4.63 -7.80
N TRP B 185 -7.17 -3.59 -8.40
CA TRP B 185 -5.76 -3.61 -8.71
C TRP B 185 -5.04 -2.66 -7.77
N PRO B 186 -3.99 -3.11 -7.12
CA PRO B 186 -3.31 -2.27 -6.14
C PRO B 186 -2.31 -1.29 -6.76
N SER B 187 -2.00 -0.26 -5.96
CA SER B 187 -0.94 0.68 -6.28
C SER B 187 0.31 -0.04 -6.73
N ALA B 188 1.09 0.62 -7.59
CA ALA B 188 2.34 0.06 -8.11
C ALA B 188 3.29 -0.42 -7.00
N ASP B 189 3.49 0.41 -5.96
CA ASP B 189 4.40 0.04 -4.86
C ASP B 189 3.94 -1.23 -4.19
N TYR B 190 2.62 -1.40 -4.09
CA TYR B 190 2.05 -2.56 -3.46
C TYR B 190 2.10 -3.77 -4.37
N TRP B 191 1.71 -3.60 -5.63
CA TRP B 191 1.81 -4.70 -6.58
C TRP B 191 3.21 -5.30 -6.60
N ARG B 192 4.25 -4.46 -6.53
CA ARG B 192 5.60 -5.00 -6.68
C ARG B 192 6.14 -5.65 -5.40
N ILE B 193 5.31 -5.77 -4.36
CA ILE B 193 5.65 -6.64 -3.23
C ILE B 193 5.88 -8.06 -3.73
N LEU B 194 5.10 -8.49 -4.72
CA LEU B 194 5.16 -9.84 -5.28
C LEU B 194 6.54 -10.16 -5.86
N PRO B 195 6.94 -11.43 -5.80
CA PRO B 195 8.21 -11.85 -6.42
C PRO B 195 8.27 -11.40 -7.88
N LYS B 196 9.50 -11.14 -8.34
CA LYS B 196 9.69 -10.57 -9.67
C LYS B 196 9.00 -11.40 -10.75
N GLU B 197 9.09 -12.74 -10.68
CA GLU B 197 8.53 -13.53 -11.77
C GLU B 197 7.01 -13.43 -11.79
N ILE B 198 6.40 -13.21 -10.63
CA ILE B 198 4.94 -13.11 -10.53
C ILE B 198 4.47 -11.73 -10.95
N ARG B 199 5.12 -10.68 -10.44
CA ARG B 199 4.62 -9.32 -10.69
C ARG B 199 4.75 -8.93 -12.15
N THR B 200 5.80 -9.39 -12.83
CA THR B 200 5.93 -9.17 -14.27
C THR B 200 5.14 -10.21 -15.05
N GLY B 201 5.17 -11.47 -14.61
CA GLY B 201 4.55 -12.52 -15.40
C GLY B 201 3.06 -12.37 -15.49
N ILE B 202 2.42 -11.90 -14.42
CA ILE B 202 0.99 -11.66 -14.51
C ILE B 202 0.71 -10.54 -15.51
N LEU B 203 1.55 -9.50 -15.51
CA LEU B 203 1.32 -8.40 -16.47
C LEU B 203 1.56 -8.87 -17.90
N HIS B 204 2.57 -9.72 -18.10
CA HIS B 204 2.85 -10.26 -19.43
C HIS B 204 1.69 -11.09 -19.94
N GLY B 205 1.01 -11.81 -19.03
CA GLY B 205 -0.12 -12.62 -19.44
C GLY B 205 -1.38 -11.84 -19.70
N MET B 206 -1.51 -10.66 -19.07
CA MET B 206 -2.74 -9.88 -19.21
C MET B 206 -2.70 -8.96 -20.43
N LEU B 207 -1.56 -8.34 -20.67
CA LEU B 207 -1.48 -7.24 -21.64
C LEU B 207 -1.83 -7.60 -23.07
N PRO B 208 -1.66 -8.84 -23.55
CA PRO B 208 -2.06 -9.13 -24.94
C PRO B 208 -3.55 -9.12 -25.18
N ALA B 209 -4.38 -9.05 -24.14
CA ALA B 209 -5.81 -8.83 -24.35
C ALA B 209 -6.04 -7.58 -25.20
N THR B 210 -7.10 -7.61 -26.00
CA THR B 210 -7.57 -6.41 -26.67
C THR B 210 -8.04 -5.39 -25.66
N THR B 211 -8.79 -5.84 -24.65
CA THR B 211 -9.44 -4.99 -23.67
C THR B 211 -9.25 -5.60 -22.29
N ILE B 212 -8.91 -4.78 -21.30
CA ILE B 212 -8.89 -5.20 -19.90
C ILE B 212 -9.90 -4.35 -19.15
N GLY B 213 -10.91 -4.99 -18.58
CA GLY B 213 -11.95 -4.27 -17.86
C GLY B 213 -11.75 -4.45 -16.36
N PHE B 214 -11.94 -3.35 -15.63
CA PHE B 214 -12.08 -3.36 -14.17
C PHE B 214 -13.42 -2.73 -13.80
N PHE B 215 -13.82 -2.90 -12.54
CA PHE B 215 -15.06 -2.31 -12.03
C PHE B 215 -14.96 -0.81 -11.75
N ALA B 216 -13.74 -0.27 -11.57
CA ALA B 216 -13.56 1.12 -11.11
C ALA B 216 -12.37 1.77 -11.81
N ASP B 217 -12.47 3.10 -12.02
CA ASP B 217 -11.35 3.87 -12.58
C ASP B 217 -10.10 3.71 -11.74
N ARG B 218 -10.26 3.62 -10.42
CA ARG B 218 -9.09 3.57 -9.54
C ARG B 218 -8.26 2.33 -9.83
N TRP B 219 -8.91 1.20 -10.11
CA TRP B 219 -8.17 -0.01 -10.43
C TRP B 219 -7.49 0.12 -11.79
N CYS B 220 -8.14 0.77 -12.76
CA CYS B 220 -7.46 0.99 -14.04
C CYS B 220 -6.22 1.85 -13.87
N ARG B 221 -6.34 2.92 -13.09
CA ARG B 221 -5.18 3.79 -12.88
C ARG B 221 -4.04 3.03 -12.24
N ASN B 222 -4.34 2.26 -11.19
CA ASN B 222 -3.31 1.49 -10.51
C ASN B 222 -2.68 0.46 -11.42
N PHE B 223 -3.48 -0.16 -12.27
CA PHE B 223 -2.94 -1.13 -13.22
C PHE B 223 -1.95 -0.44 -14.16
N LEU B 224 -2.35 0.70 -14.72
CA LEU B 224 -1.44 1.43 -15.58
C LEU B 224 -0.15 1.80 -14.85
N GLU B 225 -0.25 2.25 -13.58
CA GLU B 225 0.97 2.66 -12.90
C GLU B 225 1.88 1.45 -12.64
N SER B 226 1.28 0.28 -12.43
CA SER B 226 2.05 -0.94 -12.23
C SER B 226 2.81 -1.30 -13.51
N VAL B 227 2.13 -1.24 -14.64
CA VAL B 227 2.77 -1.51 -15.93
C VAL B 227 3.94 -0.55 -16.15
N ALA B 228 3.68 0.75 -16.03
CA ALA B 228 4.74 1.74 -16.24
C ALA B 228 5.92 1.50 -15.31
N ASP B 229 5.67 1.03 -14.07
CA ASP B 229 6.72 0.84 -13.10
C ASP B 229 7.62 -0.36 -13.47
N LEU B 230 7.01 -1.46 -13.90
CA LEU B 230 7.70 -2.73 -14.02
C LEU B 230 8.15 -3.05 -15.44
N LEU B 231 7.48 -2.50 -16.45
CA LEU B 231 7.82 -2.86 -17.83
C LEU B 231 8.45 -1.65 -18.51
N PRO B 232 9.78 -1.57 -18.56
CA PRO B 232 10.43 -0.36 -19.13
C PRO B 232 10.11 -0.11 -20.59
N ASP B 233 9.78 -1.14 -21.36
CA ASP B 233 9.45 -0.96 -22.77
C ASP B 233 7.97 -0.68 -22.98
N ALA B 234 7.18 -0.58 -21.92
CA ALA B 234 5.79 -0.22 -22.04
C ALA B 234 5.65 1.30 -22.01
N ARG B 235 4.69 1.80 -22.77
CA ARG B 235 4.29 3.21 -22.77
C ARG B 235 2.82 3.28 -22.39
N ILE B 236 2.51 3.98 -21.32
CA ILE B 236 1.13 4.12 -20.91
C ILE B 236 0.64 5.50 -21.30
N ASP B 237 -0.69 5.64 -21.39
CA ASP B 237 -1.35 6.91 -21.61
C ASP B 237 -2.48 6.98 -20.60
N ARG B 238 -2.30 7.80 -19.57
CA ARG B 238 -3.28 7.88 -18.49
C ARG B 238 -4.58 8.50 -18.96
N GLU B 239 -4.53 9.36 -19.98
CA GLU B 239 -5.77 9.97 -20.44
C GLU B 239 -6.53 9.02 -21.37
N ALA B 240 -5.83 8.42 -22.33
CA ALA B 240 -6.47 7.49 -23.25
C ALA B 240 -6.74 6.13 -22.65
N MET B 241 -6.18 5.84 -21.46
CA MET B 241 -6.36 4.54 -20.80
C MET B 241 -5.79 3.40 -21.65
N THR B 242 -4.58 3.59 -22.16
CA THR B 242 -3.98 2.61 -23.06
C THR B 242 -2.58 2.25 -22.59
N VAL B 243 -2.15 1.07 -23.05
CA VAL B 243 -0.80 0.56 -22.91
C VAL B 243 -0.31 0.14 -24.29
N GLU B 244 0.87 0.58 -24.66
CA GLU B 244 1.56 0.08 -25.85
C GLU B 244 2.81 -0.66 -25.39
N TRP B 245 2.91 -1.93 -25.76
CA TRP B 245 3.96 -2.81 -25.25
C TRP B 245 4.26 -3.88 -26.28
N ARG B 246 5.53 -3.97 -26.68
CA ARG B 246 5.98 -5.02 -27.61
C ARG B 246 5.03 -5.22 -28.78
N GLY B 247 4.51 -4.14 -29.33
CA GLY B 247 3.51 -4.21 -30.38
C GLY B 247 2.08 -4.39 -29.93
N HIS B 248 1.85 -4.84 -28.70
CA HIS B 248 0.48 -4.95 -28.18
C HIS B 248 -0.04 -3.55 -27.87
N ARG B 249 -1.26 -3.24 -28.34
CA ARG B 249 -2.02 -2.09 -27.88
C ARG B 249 -3.16 -2.61 -27.02
N THR B 250 -3.20 -2.20 -25.76
CA THR B 250 -4.21 -2.66 -24.81
C THR B 250 -5.06 -1.48 -24.36
N ARG B 251 -6.38 -1.63 -24.43
CA ARG B 251 -7.29 -0.61 -23.91
C ARG B 251 -7.82 -1.04 -22.55
N LEU B 252 -7.74 -0.13 -21.57
CA LEU B 252 -8.29 -0.34 -20.24
C LEU B 252 -9.64 0.35 -20.18
N ARG B 253 -10.64 -0.32 -19.63
CA ARG B 253 -11.97 0.26 -19.50
C ARG B 253 -12.51 0.02 -18.09
N THR B 254 -13.32 0.96 -17.62
CA THR B 254 -14.09 0.80 -16.40
C THR B 254 -15.50 0.40 -16.79
N MET B 255 -15.95 -0.76 -16.30
CA MET B 255 -17.31 -1.23 -16.57
C MET B 255 -17.96 -1.64 -15.25
N PRO B 256 -18.62 -0.72 -14.57
CA PRO B 256 -19.23 -1.06 -13.28
C PRO B 256 -20.37 -2.06 -13.43
N LEU B 257 -20.52 -2.89 -12.39
CA LEU B 257 -21.65 -3.78 -12.24
C LEU B 257 -22.33 -3.45 -10.92
N GLY B 258 -23.66 -3.49 -10.90
CA GLY B 258 -24.37 -3.23 -9.67
C GLY B 258 -25.06 -4.45 -9.09
N TYR B 259 -25.86 -5.16 -9.89
CA TYR B 259 -26.74 -6.18 -9.36
C TYR B 259 -27.39 -6.96 -10.51
N SER B 260 -27.90 -8.14 -10.17
CA SER B 260 -28.77 -8.86 -11.09
C SER B 260 -30.22 -8.68 -10.66
N PRO B 261 -31.11 -8.19 -11.54
CA PRO B 261 -32.52 -8.04 -11.13
C PRO B 261 -33.18 -9.33 -10.70
N LEU B 262 -32.69 -10.48 -11.18
CA LEU B 262 -33.27 -11.77 -10.82
C LEU B 262 -33.05 -12.10 -9.36
N THR B 263 -31.83 -11.90 -8.87
CA THR B 263 -31.57 -12.17 -7.46
C THR B 263 -32.30 -11.21 -6.52
N LEU B 264 -32.89 -10.14 -7.05
CA LEU B 264 -33.85 -9.36 -6.27
C LEU B 264 -35.28 -9.78 -6.58
N PRO B 269 -38.79 -12.68 1.66
CA PRO B 269 -38.70 -13.92 2.43
C PRO B 269 -38.62 -13.71 3.94
N GLN B 270 -38.48 -14.82 4.66
CA GLN B 270 -38.34 -14.77 6.10
C GLN B 270 -36.89 -14.48 6.50
N LEU B 271 -36.74 -13.91 7.69
CA LEU B 271 -35.44 -13.69 8.30
C LEU B 271 -34.90 -15.00 8.88
N PRO B 272 -33.60 -15.09 9.15
CA PRO B 272 -33.06 -16.27 9.85
C PRO B 272 -33.76 -16.46 11.18
N GLU B 273 -33.70 -17.69 11.69
CA GLU B 273 -34.48 -18.05 12.88
C GLU B 273 -34.09 -17.21 14.09
N GLY B 274 -35.11 -16.68 14.77
CA GLY B 274 -34.91 -15.83 15.92
C GLY B 274 -34.66 -14.37 15.61
N ILE B 275 -34.29 -14.03 14.38
CA ILE B 275 -33.85 -12.66 14.10
C ILE B 275 -35.02 -11.69 14.16
N GLU B 276 -36.17 -12.06 13.60
CA GLU B 276 -37.30 -11.14 13.64
C GLU B 276 -37.69 -10.79 15.08
N GLU B 277 -37.86 -11.81 15.94
CA GLU B 277 -38.22 -11.54 17.33
C GLU B 277 -37.15 -10.70 18.02
N TRP B 278 -35.89 -11.12 17.85
CA TRP B 278 -34.78 -10.42 18.50
C TRP B 278 -34.73 -8.95 18.10
N ALA B 279 -35.00 -8.64 16.82
CA ALA B 279 -34.98 -7.26 16.36
C ALA B 279 -36.27 -6.49 16.62
N ASP B 280 -37.34 -7.15 17.05
CA ASP B 280 -38.61 -6.47 17.29
C ASP B 280 -38.45 -5.35 18.31
N GLY B 281 -39.09 -4.21 18.03
CA GLY B 281 -39.01 -3.08 18.93
C GLY B 281 -37.68 -2.37 18.95
N HIS B 282 -36.77 -2.69 18.01
CA HIS B 282 -35.47 -2.04 17.91
C HIS B 282 -35.23 -1.60 16.48
N ARG B 283 -34.47 -0.52 16.32
CA ARG B 283 -33.86 -0.24 15.04
C ARG B 283 -32.70 -1.22 14.84
N LEU B 284 -32.48 -1.61 13.58
CA LEU B 284 -31.55 -2.70 13.27
C LEU B 284 -30.47 -2.21 12.32
N VAL B 285 -29.23 -2.17 12.80
CA VAL B 285 -28.08 -1.94 11.94
C VAL B 285 -27.66 -3.28 11.35
N VAL B 286 -27.43 -3.32 10.04
CA VAL B 286 -27.08 -4.58 9.39
C VAL B 286 -25.75 -4.39 8.67
N HIS B 287 -24.80 -5.27 8.96
CA HIS B 287 -23.57 -5.40 8.19
C HIS B 287 -23.59 -6.79 7.56
N SER B 288 -23.28 -6.89 6.27
CA SER B 288 -23.41 -8.16 5.59
C SER B 288 -22.22 -8.37 4.68
N GLY B 289 -21.70 -9.60 4.68
CA GLY B 289 -20.57 -9.87 3.82
C GLY B 289 -19.98 -11.22 4.11
N ARG B 290 -19.19 -11.71 3.15
CA ARG B 290 -18.50 -12.98 3.24
C ARG B 290 -17.55 -12.97 4.45
N THR B 291 -17.17 -14.18 4.91
CA THR B 291 -16.14 -14.31 5.94
C THR B 291 -14.77 -14.05 5.29
N ASP B 292 -14.50 -12.78 5.02
CA ASP B 292 -13.30 -12.35 4.28
C ASP B 292 -12.86 -11.07 4.99
N PRO B 293 -11.58 -10.93 5.31
CA PRO B 293 -11.12 -9.74 6.05
C PRO B 293 -11.48 -8.43 5.39
N ILE B 294 -11.63 -8.39 4.06
CA ILE B 294 -11.91 -7.08 3.48
C ILE B 294 -13.29 -6.56 3.86
N LYS B 295 -14.20 -7.42 4.32
CA LYS B 295 -15.57 -6.95 4.57
C LYS B 295 -15.67 -6.08 5.81
N ASN B 296 -14.66 -6.12 6.69
CA ASN B 296 -14.44 -5.10 7.71
C ASN B 296 -15.51 -5.09 8.81
N ALA B 297 -16.12 -6.23 9.13
CA ALA B 297 -17.19 -6.25 10.13
C ALA B 297 -16.68 -5.96 11.54
N GLU B 298 -15.41 -6.25 11.82
CA GLU B 298 -14.88 -5.93 13.14
C GLU B 298 -14.90 -4.44 13.40
N ARG B 299 -14.42 -3.65 12.44
CA ARG B 299 -14.42 -2.20 12.63
C ARG B 299 -15.83 -1.63 12.65
N ALA B 300 -16.76 -2.25 11.90
CA ALA B 300 -18.15 -1.81 11.95
C ALA B 300 -18.72 -1.95 13.35
N VAL B 301 -18.44 -3.09 14.00
CA VAL B 301 -18.92 -3.33 15.37
C VAL B 301 -18.29 -2.34 16.34
N ARG B 302 -16.97 -2.15 16.27
CA ARG B 302 -16.33 -1.17 17.16
C ARG B 302 -16.89 0.23 16.95
N ALA B 303 -17.13 0.59 15.69
CA ALA B 303 -17.69 1.91 15.39
C ALA B 303 -19.10 2.05 15.94
N PHE B 304 -19.88 0.96 15.88
CA PHE B 304 -21.22 0.97 16.47
C PHE B 304 -21.15 1.19 17.98
N VAL B 305 -20.16 0.59 18.65
CA VAL B 305 -20.00 0.80 20.08
C VAL B 305 -19.66 2.26 20.37
N LEU B 306 -18.72 2.85 19.61
CA LEU B 306 -18.40 4.25 19.80
C LEU B 306 -19.64 5.12 19.64
N ALA B 307 -20.42 4.87 18.58
CA ALA B 307 -21.67 5.62 18.40
C ALA B 307 -22.58 5.45 19.61
N ALA B 308 -22.73 4.21 20.09
CA ALA B 308 -23.60 3.94 21.23
C ALA B 308 -23.18 4.71 22.46
N ARG B 309 -21.85 4.83 22.68
CA ARG B 309 -21.36 5.65 23.79
C ARG B 309 -21.75 7.11 23.65
N GLY B 310 -21.89 7.59 22.41
CA GLY B 310 -22.33 8.96 22.24
C GLY B 310 -23.78 9.21 22.59
N GLY B 311 -24.51 8.18 23.03
CA GLY B 311 -25.92 8.30 23.32
C GLY B 311 -26.78 8.19 22.07
N GLY B 312 -28.03 7.78 22.30
CA GLY B 312 -29.03 7.76 21.25
C GLY B 312 -29.29 6.42 20.60
N LEU B 313 -28.56 5.37 20.97
CA LEU B 313 -28.70 4.06 20.34
C LEU B 313 -29.34 3.04 21.28
N GLU B 314 -30.09 3.52 22.27
CA GLU B 314 -30.58 2.66 23.35
C GLU B 314 -31.52 1.57 22.85
N LYS B 315 -32.34 1.86 21.84
CA LYS B 315 -33.20 0.82 21.29
C LYS B 315 -32.75 0.46 19.88
N THR B 316 -31.44 0.28 19.70
CA THR B 316 -30.85 -0.09 18.42
C THR B 316 -30.02 -1.34 18.62
N ARG B 317 -30.13 -2.27 17.69
CA ARG B 317 -29.32 -3.48 17.73
C ARG B 317 -28.55 -3.64 16.42
N MET B 318 -27.58 -4.54 16.42
CA MET B 318 -26.70 -4.73 15.27
C MET B 318 -26.68 -6.19 14.88
N LEU B 319 -26.93 -6.47 13.61
CA LEU B 319 -26.79 -7.81 13.08
C LEU B 319 -25.57 -7.84 12.19
N VAL B 320 -24.65 -8.77 12.46
CA VAL B 320 -23.51 -9.02 11.59
C VAL B 320 -23.83 -10.28 10.83
N ARG B 321 -24.27 -10.13 9.59
CA ARG B 321 -24.63 -11.26 8.75
C ARG B 321 -23.41 -11.66 7.94
N MET B 322 -23.02 -12.93 8.03
CA MET B 322 -21.82 -13.42 7.39
C MET B 322 -22.15 -14.61 6.52
N ASN B 323 -21.48 -14.70 5.37
CA ASN B 323 -21.66 -15.83 4.47
C ASN B 323 -20.37 -16.65 4.57
N PRO B 324 -20.40 -17.87 5.10
CA PRO B 324 -19.15 -18.61 5.37
C PRO B 324 -18.43 -18.96 4.09
N ASN B 325 -17.14 -18.68 4.04
CA ASN B 325 -16.41 -18.92 2.79
C ASN B 325 -14.93 -19.02 3.07
N ARG B 326 -14.31 -20.08 2.56
CA ARG B 326 -12.87 -20.28 2.62
C ARG B 326 -12.35 -20.14 4.05
N LEU B 327 -13.11 -20.70 4.99
CA LEU B 327 -12.68 -20.68 6.38
C LEU B 327 -11.42 -21.50 6.59
N TYR B 328 -11.05 -22.36 5.64
CA TYR B 328 -9.76 -23.05 5.69
C TYR B 328 -8.58 -22.13 5.49
N VAL B 329 -8.80 -20.91 5.01
CA VAL B 329 -7.72 -19.93 4.92
C VAL B 329 -7.58 -19.20 6.25
N PRO B 330 -6.37 -19.12 6.81
CA PRO B 330 -6.22 -18.57 8.17
C PRO B 330 -6.62 -17.11 8.29
N ALA B 331 -6.54 -16.32 7.21
CA ALA B 331 -7.01 -14.93 7.30
C ALA B 331 -8.52 -14.87 7.46
N ASN B 332 -9.25 -15.79 6.82
CA ASN B 332 -10.71 -15.80 6.96
C ASN B 332 -11.13 -16.29 8.33
N ALA B 333 -10.52 -17.36 8.81
CA ALA B 333 -10.84 -17.83 10.16
C ALA B 333 -10.49 -16.77 11.21
N ASP B 334 -9.35 -16.10 11.04
CA ASP B 334 -8.98 -15.04 11.98
C ASP B 334 -9.94 -13.86 11.91
N TYR B 335 -10.43 -13.54 10.72
CA TYR B 335 -11.43 -12.48 10.60
C TYR B 335 -12.67 -12.83 11.43
N VAL B 336 -13.19 -14.05 11.28
CA VAL B 336 -14.34 -14.48 12.06
C VAL B 336 -14.04 -14.42 13.56
N HIS B 337 -12.84 -14.86 13.97
CA HIS B 337 -12.46 -14.79 15.38
C HIS B 337 -12.46 -13.35 15.89
N ARG B 338 -11.94 -12.41 15.09
CA ARG B 338 -11.88 -11.01 15.54
C ARG B 338 -13.27 -10.38 15.58
N VAL B 339 -14.13 -10.72 14.62
CA VAL B 339 -15.52 -10.23 14.66
C VAL B 339 -16.20 -10.74 15.93
N GLU B 340 -16.15 -12.06 16.15
CA GLU B 340 -16.77 -12.67 17.33
C GLU B 340 -16.28 -12.00 18.60
N THR B 341 -14.98 -11.74 18.69
CA THR B 341 -14.43 -11.05 19.84
C THR B 341 -15.04 -9.66 19.99
N ALA B 342 -15.12 -8.91 18.90
CA ALA B 342 -15.71 -7.56 18.98
C ALA B 342 -17.18 -7.63 19.39
N VAL B 343 -17.91 -8.63 18.88
CA VAL B 343 -19.32 -8.75 19.23
C VAL B 343 -19.48 -9.07 20.71
N ALA B 344 -18.66 -9.99 21.22
CA ALA B 344 -18.69 -10.32 22.65
C ALA B 344 -18.43 -9.09 23.51
N GLU B 345 -17.43 -8.27 23.14
CA GLU B 345 -17.11 -7.06 23.90
C GLU B 345 -18.18 -5.99 23.77
N ALA B 346 -18.83 -5.89 22.59
CA ALA B 346 -19.95 -4.96 22.43
C ALA B 346 -21.11 -5.33 23.36
N ASN B 347 -21.47 -6.61 23.40
CA ASN B 347 -22.58 -7.03 24.26
C ASN B 347 -22.24 -6.85 25.73
N ALA B 348 -21.00 -7.15 26.10
CA ALA B 348 -20.59 -6.98 27.49
C ALA B 348 -20.68 -5.52 27.91
N GLU B 349 -20.52 -4.59 26.98
CA GLU B 349 -20.53 -3.19 27.37
C GLU B 349 -21.91 -2.55 27.26
N LEU B 350 -22.65 -2.85 26.19
CA LEU B 350 -23.94 -2.22 25.91
C LEU B 350 -25.13 -3.02 26.43
N GLY B 351 -24.93 -4.28 26.82
CA GLY B 351 -26.04 -5.11 27.22
C GLY B 351 -26.12 -6.39 26.43
N SER B 352 -26.62 -7.45 27.07
CA SER B 352 -26.82 -8.73 26.40
C SER B 352 -27.64 -8.56 25.13
N ASP B 353 -27.26 -9.30 24.08
CA ASP B 353 -28.02 -9.40 22.82
C ASP B 353 -28.16 -8.08 22.08
N THR B 354 -27.26 -7.12 22.30
CA THR B 354 -27.28 -5.90 21.48
C THR B 354 -26.81 -6.20 20.05
N VAL B 355 -25.77 -7.01 19.91
CA VAL B 355 -25.15 -7.33 18.62
C VAL B 355 -25.18 -8.84 18.45
N ARG B 356 -25.57 -9.29 17.26
CA ARG B 356 -25.62 -10.70 16.95
C ARG B 356 -24.91 -10.96 15.63
N ILE B 357 -24.15 -12.05 15.59
CA ILE B 357 -23.64 -12.59 14.34
C ILE B 357 -24.59 -13.68 13.88
N ASP B 358 -24.96 -13.65 12.60
CA ASP B 358 -25.67 -14.77 11.98
C ASP B 358 -24.85 -15.20 10.78
N ASN B 359 -24.22 -16.37 10.90
CA ASN B 359 -23.19 -16.86 9.97
C ASN B 359 -23.70 -18.10 9.28
N ASP B 360 -24.31 -17.95 8.10
CA ASP B 360 -24.76 -19.10 7.33
C ASP B 360 -24.86 -18.69 5.87
N ASN B 361 -24.95 -19.71 5.01
CA ASN B 361 -25.07 -19.53 3.57
C ASN B 361 -26.54 -19.66 3.19
N ASP B 362 -27.19 -18.52 2.94
CA ASP B 362 -28.60 -18.51 2.53
C ASP B 362 -28.88 -17.11 1.98
N VAL B 363 -28.79 -16.97 0.65
CA VAL B 363 -28.94 -15.65 0.05
C VAL B 363 -30.31 -15.06 0.33
N ASN B 364 -31.34 -15.90 0.45
CA ASN B 364 -32.68 -15.38 0.71
C ASN B 364 -32.78 -14.80 2.12
N HIS B 365 -32.15 -15.45 3.10
CA HIS B 365 -32.06 -14.86 4.42
C HIS B 365 -31.35 -13.51 4.38
N THR B 366 -30.34 -13.38 3.52
CA THR B 366 -29.58 -12.13 3.47
C THR B 366 -30.42 -11.01 2.87
N ILE B 367 -31.15 -11.28 1.79
CA ILE B 367 -32.07 -10.28 1.24
C ILE B 367 -33.10 -9.87 2.29
N ALA B 368 -33.58 -10.83 3.07
CA ALA B 368 -34.53 -10.50 4.13
C ALA B 368 -33.92 -9.53 5.13
N CYS B 369 -32.65 -9.77 5.52
CA CYS B 369 -31.95 -8.84 6.41
C CYS B 369 -31.84 -7.46 5.78
N PHE B 370 -31.49 -7.39 4.50
CA PHE B 370 -31.48 -6.11 3.79
C PHE B 370 -32.83 -5.40 3.90
N ARG B 371 -33.94 -6.14 3.79
CA ARG B 371 -35.26 -5.50 3.79
C ARG B 371 -35.62 -4.95 5.17
N ARG B 372 -35.24 -5.67 6.22
CA ARG B 372 -35.49 -5.26 7.62
C ARG B 372 -34.58 -4.14 8.11
N ALA B 373 -33.41 -3.94 7.48
CA ALA B 373 -32.42 -3.02 8.03
C ALA B 373 -32.93 -1.59 8.12
N ASP B 374 -32.65 -0.95 9.25
CA ASP B 374 -32.85 0.48 9.40
C ASP B 374 -31.59 1.28 9.09
N LEU B 375 -30.45 0.61 8.97
CA LEU B 375 -29.20 1.22 8.56
C LEU B 375 -28.35 0.10 7.98
N LEU B 376 -27.73 0.33 6.82
CA LEU B 376 -26.88 -0.65 6.16
C LEU B 376 -25.44 -0.17 6.17
N ILE B 377 -24.52 -1.07 6.50
CA ILE B 377 -23.09 -0.73 6.54
C ILE B 377 -22.35 -1.67 5.60
N PHE B 378 -21.76 -1.10 4.56
CA PHE B 378 -20.88 -1.81 3.65
C PHE B 378 -19.53 -1.07 3.66
N ASN B 379 -18.77 -1.27 4.74
CA ASN B 379 -17.58 -0.47 5.02
C ASN B 379 -16.28 -1.18 4.67
N SER B 380 -16.21 -1.88 3.53
CA SER B 380 -15.05 -2.75 3.23
C SER B 380 -13.74 -1.96 3.30
N THR B 381 -12.67 -2.64 3.74
CA THR B 381 -11.34 -2.03 3.64
C THR B 381 -11.00 -1.75 2.19
N VAL B 382 -11.45 -2.66 1.30
CA VAL B 382 -11.38 -2.47 -0.15
C VAL B 382 -12.37 -3.46 -0.73
N ASP B 383 -12.81 -3.21 -1.96
CA ASP B 383 -13.73 -4.13 -2.61
C ASP B 383 -13.64 -3.83 -4.09
N GLY B 384 -13.46 -4.87 -4.91
CA GLY B 384 -13.43 -4.64 -6.34
C GLY B 384 -14.64 -3.85 -6.78
N GLN B 385 -15.80 -4.20 -6.25
CA GLN B 385 -16.99 -3.38 -6.45
C GLN B 385 -17.83 -3.32 -5.18
N ASN B 386 -18.40 -4.47 -4.80
CA ASN B 386 -19.42 -4.71 -3.77
C ASN B 386 -20.80 -4.59 -4.41
N LEU B 387 -21.44 -5.73 -4.72
CA LEU B 387 -22.79 -5.66 -5.28
C LEU B 387 -23.86 -5.54 -4.21
N SER B 388 -23.57 -6.01 -2.98
CA SER B 388 -24.53 -5.87 -1.88
C SER B 388 -24.99 -4.43 -1.69
N THR B 389 -24.09 -3.45 -1.89
CA THR B 389 -24.47 -2.05 -1.68
C THR B 389 -25.40 -1.51 -2.76
N PHE B 390 -25.56 -2.23 -3.88
CA PHE B 390 -26.62 -1.91 -4.83
C PHE B 390 -27.90 -2.68 -4.49
N GLU B 391 -27.77 -3.99 -4.25
CA GLU B 391 -28.93 -4.83 -3.94
C GLU B 391 -29.69 -4.30 -2.73
N ALA B 392 -28.97 -3.97 -1.65
CA ALA B 392 -29.63 -3.66 -0.38
C ALA B 392 -30.53 -2.43 -0.45
N PRO B 393 -30.08 -1.26 -0.95
CA PRO B 393 -31.02 -0.13 -1.06
C PRO B 393 -32.14 -0.42 -2.03
N LEU B 394 -31.89 -1.25 -3.05
CA LEU B 394 -32.93 -1.54 -4.02
C LEU B 394 -34.06 -2.37 -3.42
N VAL B 395 -33.77 -3.24 -2.44
CA VAL B 395 -34.82 -4.03 -1.81
C VAL B 395 -35.29 -3.44 -0.49
N ASN B 396 -34.51 -2.55 0.12
CA ASN B 396 -34.91 -2.01 1.41
C ASN B 396 -36.12 -1.11 1.24
N GLU B 397 -37.12 -1.29 2.09
CA GLU B 397 -38.30 -0.45 2.06
C GLU B 397 -38.50 0.29 3.37
N ARG B 398 -37.41 0.48 4.12
CA ARG B 398 -37.44 1.20 5.38
C ARG B 398 -36.67 2.51 5.28
N ASP B 399 -36.29 2.91 4.06
CA ASP B 399 -35.50 4.12 3.81
C ASP B 399 -34.20 4.13 4.61
N ALA B 400 -33.64 2.94 4.85
CA ALA B 400 -32.36 2.83 5.55
C ALA B 400 -31.28 3.64 4.84
N ASP B 401 -30.49 4.34 5.62
CA ASP B 401 -29.30 4.96 5.06
C ASP B 401 -28.28 3.87 4.75
N VAL B 402 -27.28 4.21 3.95
CA VAL B 402 -26.17 3.32 3.65
C VAL B 402 -24.87 4.03 3.99
N ILE B 403 -24.04 3.37 4.78
CA ILE B 403 -22.67 3.81 5.01
C ILE B 403 -21.81 2.95 4.09
N LEU B 404 -21.10 3.61 3.20
CA LEU B 404 -20.31 2.97 2.14
C LEU B 404 -18.85 3.40 2.26
N SER B 405 -17.95 2.43 2.37
CA SER B 405 -16.54 2.75 2.33
C SER B 405 -16.15 3.36 0.99
N GLU B 406 -15.34 4.41 1.07
CA GLU B 406 -14.77 5.11 -0.09
C GLU B 406 -13.81 4.24 -0.90
N THR B 407 -13.41 3.07 -0.38
CA THR B 407 -12.54 2.16 -1.12
C THR B 407 -13.27 1.02 -1.82
N CYS B 408 -14.59 0.96 -1.72
CA CYS B 408 -15.34 0.06 -2.58
C CYS B 408 -15.37 0.64 -3.99
N GLY B 409 -15.18 -0.20 -5.01
CA GLY B 409 -15.38 0.28 -6.37
C GLY B 409 -16.76 0.88 -6.57
N ALA B 410 -17.74 0.37 -5.81
CA ALA B 410 -19.11 0.86 -5.88
C ALA B 410 -19.22 2.33 -5.50
N ALA B 411 -18.26 2.85 -4.73
CA ALA B 411 -18.31 4.24 -4.32
C ALA B 411 -18.13 5.19 -5.50
N GLU B 412 -17.51 4.73 -6.59
CA GLU B 412 -17.39 5.59 -7.76
C GLU B 412 -18.75 5.87 -8.41
N VAL B 413 -19.73 4.99 -8.20
CA VAL B 413 -21.08 5.16 -8.72
C VAL B 413 -22.05 5.65 -7.65
N LEU B 414 -21.96 5.11 -6.44
CA LEU B 414 -22.93 5.38 -5.40
C LEU B 414 -22.45 6.30 -4.28
N GLY B 415 -21.16 6.64 -4.22
CA GLY B 415 -20.64 7.28 -3.03
C GLY B 415 -21.31 8.61 -2.72
N GLU B 416 -21.63 9.38 -3.76
CA GLU B 416 -22.35 10.63 -3.57
C GLU B 416 -23.74 10.43 -2.97
N TYR B 417 -24.30 9.21 -3.05
CA TYR B 417 -25.65 8.95 -2.58
C TYR B 417 -25.67 8.22 -1.25
N CYS B 418 -24.51 7.97 -0.65
CA CYS B 418 -24.40 7.27 0.62
C CYS B 418 -23.59 8.14 1.58
N ARG B 419 -23.43 7.66 2.81
CA ARG B 419 -22.50 8.28 3.75
C ARG B 419 -21.14 7.66 3.49
N SER B 420 -20.31 8.35 2.71
CA SER B 420 -19.02 7.80 2.31
C SER B 420 -18.01 8.00 3.42
N VAL B 421 -17.29 6.93 3.79
CA VAL B 421 -16.43 6.97 4.96
C VAL B 421 -15.07 6.37 4.66
N ASN B 422 -14.08 6.81 5.40
CA ASN B 422 -12.80 6.12 5.48
C ASN B 422 -12.99 4.85 6.32
N PRO B 423 -12.73 3.65 5.76
CA PRO B 423 -13.04 2.40 6.48
C PRO B 423 -12.11 2.12 7.66
N PHE B 424 -11.03 2.86 7.81
CA PHE B 424 -10.06 2.68 8.88
C PHE B 424 -10.27 3.63 10.05
N ASP B 425 -11.24 4.53 9.96
CA ASP B 425 -11.44 5.62 10.93
C ASP B 425 -12.70 5.31 11.71
N LEU B 426 -12.53 4.82 12.94
CA LEU B 426 -13.67 4.43 13.75
C LEU B 426 -14.49 5.64 14.16
N VAL B 427 -13.83 6.76 14.45
CA VAL B 427 -14.55 7.98 14.83
C VAL B 427 -15.44 8.46 13.69
N GLU B 428 -14.90 8.51 12.46
CA GLU B 428 -15.73 8.94 11.34
C GLU B 428 -16.90 8.00 11.13
N GLN B 429 -16.65 6.67 11.24
CA GLN B 429 -17.72 5.70 11.02
C GLN B 429 -18.76 5.76 12.13
N ALA B 430 -18.34 5.99 13.37
CA ALA B 430 -19.30 6.11 14.46
C ALA B 430 -20.14 7.36 14.31
N GLU B 431 -19.53 8.48 13.87
CA GLU B 431 -20.29 9.69 13.60
C GLU B 431 -21.31 9.48 12.48
N ALA B 432 -20.95 8.69 11.47
CA ALA B 432 -21.88 8.40 10.38
C ALA B 432 -23.04 7.53 10.87
N ILE B 433 -22.74 6.55 11.71
CA ILE B 433 -23.80 5.75 12.33
C ILE B 433 -24.73 6.66 13.16
N SER B 434 -24.15 7.50 14.01
CA SER B 434 -24.95 8.41 14.82
C SER B 434 -25.83 9.30 13.94
N ALA B 435 -25.22 9.93 12.93
CA ALA B 435 -25.96 10.82 12.05
C ALA B 435 -27.04 10.07 11.27
N ALA B 436 -26.74 8.85 10.80
CA ALA B 436 -27.71 8.08 10.03
C ALA B 436 -28.93 7.72 10.87
N LEU B 437 -28.71 7.44 12.16
CA LEU B 437 -29.80 7.04 13.03
C LEU B 437 -30.54 8.22 13.64
N ALA B 438 -30.00 9.42 13.52
CA ALA B 438 -30.68 10.62 13.98
C ALA B 438 -31.45 11.33 12.87
N ALA B 439 -31.17 11.03 11.60
CA ALA B 439 -31.83 11.72 10.52
C ALA B 439 -33.33 11.43 10.54
N GLY B 440 -34.13 12.44 10.22
CA GLY B 440 -35.57 12.28 10.24
C GLY B 440 -36.06 11.44 9.08
N PRO B 441 -37.34 11.02 9.14
CA PRO B 441 -37.85 10.12 8.10
C PRO B 441 -37.97 10.74 6.72
N ARG B 442 -38.20 12.06 6.62
CA ARG B 442 -38.32 12.68 5.30
C ARG B 442 -36.95 12.81 4.62
N GLN B 443 -35.93 13.19 5.39
CA GLN B 443 -34.59 13.28 4.81
C GLN B 443 -34.14 11.90 4.33
N ARG B 444 -34.36 10.87 5.16
CA ARG B 444 -33.95 9.51 4.78
C ARG B 444 -34.73 9.01 3.58
N ALA B 445 -36.02 9.36 3.49
CA ALA B 445 -36.85 8.87 2.39
C ALA B 445 -36.41 9.46 1.06
N GLU B 446 -36.07 10.75 1.03
CA GLU B 446 -35.62 11.34 -0.22
C GLU B 446 -34.21 10.88 -0.58
N ALA B 447 -33.34 10.66 0.41
CA ALA B 447 -32.00 10.15 0.13
C ALA B 447 -32.08 8.72 -0.42
N ALA B 448 -32.97 7.90 0.13
CA ALA B 448 -33.10 6.53 -0.36
C ALA B 448 -33.60 6.48 -1.80
N ALA B 449 -34.53 7.37 -2.15
CA ALA B 449 -35.05 7.38 -3.52
C ALA B 449 -33.97 7.81 -4.52
N ARG B 450 -33.14 8.80 -4.16
CA ARG B 450 -32.04 9.17 -5.04
C ARG B 450 -31.00 8.05 -5.11
N ARG B 451 -30.74 7.38 -3.98
CA ARG B 451 -29.84 6.23 -3.96
C ARG B 451 -30.34 5.11 -4.87
N ARG B 452 -31.62 4.76 -4.75
CA ARG B 452 -32.17 3.72 -5.62
C ARG B 452 -32.06 4.10 -7.10
N ASP B 453 -32.36 5.36 -7.43
CA ASP B 453 -32.25 5.80 -8.82
C ASP B 453 -30.82 5.67 -9.34
N ALA B 454 -29.83 6.03 -8.52
CA ALA B 454 -28.43 5.90 -8.96
C ALA B 454 -28.02 4.44 -9.12
N ALA B 455 -28.56 3.55 -8.28
CA ALA B 455 -28.16 2.15 -8.35
C ALA B 455 -28.88 1.40 -9.46
N ARG B 456 -30.11 1.78 -9.77
CA ARG B 456 -30.96 0.95 -10.64
C ARG B 456 -30.39 0.65 -12.03
N PRO B 457 -29.72 1.57 -12.74
CA PRO B 457 -29.28 1.27 -14.11
C PRO B 457 -28.17 0.21 -14.22
N TRP B 458 -27.42 -0.04 -13.17
CA TRP B 458 -26.21 -0.86 -13.28
C TRP B 458 -26.53 -2.36 -13.12
N THR B 459 -27.17 -2.92 -14.15
CA THR B 459 -27.58 -4.31 -14.12
C THR B 459 -26.52 -5.23 -14.71
N LEU B 460 -26.67 -6.51 -14.40
CA LEU B 460 -25.84 -7.55 -15.01
C LEU B 460 -25.92 -7.48 -16.53
N GLU B 461 -27.12 -7.27 -17.08
CA GLU B 461 -27.23 -7.23 -18.54
C GLU B 461 -26.53 -6.00 -19.11
N ALA B 462 -26.67 -4.84 -18.46
CA ALA B 462 -25.97 -3.66 -18.95
C ALA B 462 -24.47 -3.88 -18.92
N TRP B 463 -24.00 -4.61 -17.91
CA TRP B 463 -22.56 -4.85 -17.75
C TRP B 463 -22.05 -5.78 -18.85
N VAL B 464 -22.79 -6.85 -19.17
CA VAL B 464 -22.39 -7.71 -20.26
C VAL B 464 -22.39 -6.94 -21.58
N GLN B 465 -23.41 -6.13 -21.82
CA GLN B 465 -23.45 -5.34 -23.05
C GLN B 465 -22.27 -4.37 -23.13
N ALA B 466 -21.91 -3.77 -22.00
CA ALA B 466 -20.75 -2.87 -21.97
C ALA B 466 -19.46 -3.60 -22.36
N GLN B 467 -19.33 -4.87 -21.96
CA GLN B 467 -18.11 -5.60 -22.31
C GLN B 467 -18.08 -5.90 -23.80
N LEU B 468 -19.21 -6.33 -24.36
CA LEU B 468 -19.27 -6.65 -25.79
C LEU B 468 -19.05 -5.40 -26.63
N ASP B 469 -19.75 -4.31 -26.27
CA ASP B 469 -19.60 -3.03 -26.97
C ASP B 469 -18.17 -2.51 -26.84
N GLY B 470 -17.58 -2.61 -25.65
CA GLY B 470 -16.23 -2.10 -25.49
C GLY B 470 -15.22 -2.92 -26.26
N LEU B 471 -15.32 -4.24 -26.18
CA LEU B 471 -14.42 -5.13 -26.91
C LEU B 471 -14.47 -4.84 -28.41
N ALA B 472 -15.68 -4.69 -28.94
CA ALA B 472 -15.82 -4.47 -30.37
C ALA B 472 -15.15 -3.18 -30.80
N ALA B 473 -15.34 -2.10 -30.02
CA ALA B 473 -14.69 -0.84 -30.36
C ALA B 473 -13.19 -0.95 -30.26
N ASP B 474 -12.68 -1.61 -29.21
CA ASP B 474 -11.23 -1.74 -29.06
C ASP B 474 -10.64 -2.68 -30.09
N HIS B 475 -11.41 -3.69 -30.51
CA HIS B 475 -10.90 -4.59 -31.53
C HIS B 475 -10.79 -3.88 -32.87
N ALA B 476 -11.84 -3.13 -33.23
CA ALA B 476 -11.81 -2.33 -34.45
C ALA B 476 -10.66 -1.34 -34.44
N ALA B 477 -10.40 -0.72 -33.28
CA ALA B 477 -9.27 0.20 -33.15
C ALA B 477 -7.95 -0.54 -33.26
N ARG B 478 -7.83 -1.71 -32.65
CA ARG B 478 -6.57 -2.44 -32.72
C ARG B 478 -6.30 -2.97 -34.13
N THR B 479 -7.35 -3.30 -34.88
CA THR B 479 -7.20 -3.83 -36.22
C THR B 479 -6.85 -2.73 -37.22
N ALA B 480 -7.51 -1.58 -37.13
CA ALA B 480 -7.20 -0.48 -38.02
C ALA B 480 -5.78 0.01 -37.84
N THR B 481 -5.17 -0.28 -36.69
CA THR B 481 -3.84 0.20 -36.35
C THR B 481 -2.81 -0.93 -36.35
#